data_9JFV
#
_entry.id   9JFV
#
_cell.length_a   1.00
_cell.length_b   1.00
_cell.length_c   1.00
_cell.angle_alpha   90.00
_cell.angle_beta   90.00
_cell.angle_gamma   90.00
#
_symmetry.space_group_name_H-M   'P 1'
#
loop_
_entity.id
_entity.type
_entity.pdbx_description
1 polymer 'Guanine nucleotide-binding protein G(s) subunit alpha isoforms short'
2 polymer 'Guanine nucleotide-binding protein G(I)/G(S)/G(T) subunit beta-1'
3 polymer 'Guanine nucleotide-binding protein G(I)/G(S)/G(O) subunit gamma-2'
4 polymer 'G-protein coupled receptor 4'
#
loop_
_entity_poly.entity_id
_entity_poly.type
_entity_poly.pdbx_seq_one_letter_code
_entity_poly.pdbx_strand_id
1 'polypeptide(L)'
;MHHHHHHENLYFQGNSKTEDQRNEEKAQREANKKIEKQLQKDKQVYRATHRLLLLGADNSGKSTIVKQMRILHGGSGGSG
GTSGIFETKFQVDKVNFHMFDVGGQRDERRKWIQCFNDVTAIIFVVDSSDYNRLQEALNLFKSIWNNRWLRTISVILFLN
KQDLLAEKVLAGKSKIEDYFPEFARYTTPEDATPEPGEDPRVTRAKYFIRDEFLRISTASGDGRHYCYPHFTCAVDTENA
RRIFNDCKDIILQMNLREYNLV
;
A
2 'polypeptide(L)'
;IGRARGFSELDQLRQEAEQLKNQIRDARKACADATLSQITNNIDPVGRIQMRTRRTLRGHLAKIYAMHWGTDSRLLVSAS
QDGKLIIWDSYTTNKVHAIPLRSSWVMTCAYAPSGNYVACGGLDNICSIYNLKTREGNVRVSRELAGHTGYLSCCRFLDD
NQIVTSSGDTTCALWDIETGQQTTTFTGHTGDVMSLSLAPDTRLFVSGACDASAKLWDVREGMCRQTFTGHESDINAICF
FPNGNAFATGSDDATCRLFDLRADQELMTYSHDNIICGITSVSFSKSGRLLLAGYDDFNCNVWDALKADRAGVLAGHDNR
VSCLGVTDDGMAVATGSWDSFLKIWN
;
B
3 'polypeptide(L)' MASNNTASIAQARKLVEQLKMEANIDRIKVSKAAADLMAYCEAHAKEDPLLTPVPASENPFREKKFFCAIL C
4 'polypeptide(L)'
;MGNHTWEGCHVDSRVDHLFPPSLYIFVIGVGLPTNCLALWAAYRQVQQRNELGVYLMNLSIADLLYICTLPLWVDYFLHH
DNWIHGPGSCKLFGFIFYTNIYISIAFLCCISVDRYLAVAHPLRFARLRRVKTAVAVSSVVWATELGANSAPLFHDELFR
DRYNHTFCFEKFPMEGWVAWMNLYRVFVGFLFPWALMLLSYRGILRAVRGSVSTERQEKAKIKRLALSLIAIVLVCFAPY
HVLLLSRSAIYLGRPWDCGFEERVFSAYHSSLAFTSLNCVADPILYCLVNEGARSDVAKALHNLLRFLASDKPQEMANAS
LTLETPLTSKRNSTAKAMTGSWAATPPSQGDQVQEFLEVLFQGPHHHHHHHHHH
;
R
#
# COMPACT_ATOMS: atom_id res chain seq x y z
N THR A 18 19.08 39.45 -10.65
CA THR A 18 20.36 38.82 -10.37
C THR A 18 20.58 37.62 -11.30
N GLU A 19 21.64 37.70 -12.11
CA GLU A 19 21.97 36.60 -13.01
C GLU A 19 22.39 35.36 -12.26
N ASP A 20 23.14 35.53 -11.16
CA ASP A 20 23.55 34.38 -10.36
C ASP A 20 22.35 33.69 -9.72
N GLN A 21 21.32 34.44 -9.35
CA GLN A 21 20.11 33.84 -8.81
C GLN A 21 19.45 32.93 -9.84
N ARG A 22 19.34 33.41 -11.09
CA ARG A 22 18.76 32.60 -12.14
C ARG A 22 19.63 31.39 -12.45
N ASN A 23 20.97 31.56 -12.38
CA ASN A 23 21.87 30.43 -12.60
C ASN A 23 21.69 29.38 -11.51
N GLU A 24 21.53 29.81 -10.25
CA GLU A 24 21.30 28.87 -9.16
C GLU A 24 19.97 28.14 -9.34
N GLU A 25 18.93 28.87 -9.75
CA GLU A 25 17.65 28.22 -10.01
C GLU A 25 17.76 27.21 -11.16
N LYS A 26 18.49 27.56 -12.21
CA LYS A 26 18.68 26.64 -13.33
C LYS A 26 19.46 25.40 -12.91
N ALA A 27 20.48 25.57 -12.07
CA ALA A 27 21.21 24.44 -11.55
C ALA A 27 20.31 23.56 -10.68
N GLN A 28 19.45 24.19 -9.88
CA GLN A 28 18.44 23.45 -9.13
C GLN A 28 17.59 22.59 -10.06
N ARG A 29 17.11 23.20 -11.15
CA ARG A 29 16.23 22.48 -12.07
C ARG A 29 16.98 21.34 -12.76
N GLU A 30 18.24 21.57 -13.13
CA GLU A 30 19.02 20.53 -13.78
C GLU A 30 19.26 19.34 -12.85
N ALA A 31 19.65 19.63 -11.60
CA ALA A 31 19.82 18.56 -10.62
C ALA A 31 18.50 17.85 -10.35
N ASN A 32 17.39 18.60 -10.32
CA ASN A 32 16.08 17.99 -10.12
C ASN A 32 15.73 17.06 -11.27
N LYS A 33 16.01 17.47 -12.51
CA LYS A 33 15.76 16.60 -13.65
C LYS A 33 16.61 15.34 -13.58
N LYS A 34 17.88 15.48 -13.22
CA LYS A 34 18.74 14.31 -13.09
C LYS A 34 18.23 13.36 -12.02
N ILE A 35 17.84 13.90 -10.86
CA ILE A 35 17.31 13.06 -9.79
C ILE A 35 15.98 12.44 -10.19
N GLU A 36 15.17 13.14 -10.98
CA GLU A 36 13.91 12.57 -11.46
C GLU A 36 14.16 11.39 -12.39
N LYS A 37 15.15 11.52 -13.28
CA LYS A 37 15.50 10.39 -14.14
C LYS A 37 16.00 9.21 -13.30
N GLN A 38 16.85 9.49 -12.32
CA GLN A 38 17.34 8.44 -11.43
C GLN A 38 16.19 7.78 -10.67
N LEU A 39 15.24 8.59 -10.20
CA LEU A 39 14.08 8.07 -9.48
C LEU A 39 13.19 7.22 -10.36
N GLN A 40 13.03 7.60 -11.63
CA GLN A 40 12.24 6.78 -12.55
C GLN A 40 12.92 5.43 -12.79
N LYS A 41 14.23 5.44 -12.99
CA LYS A 41 14.96 4.18 -13.12
C LYS A 41 14.80 3.32 -11.87
N ASP A 42 14.88 3.96 -10.70
CA ASP A 42 14.70 3.24 -9.44
C ASP A 42 13.29 2.67 -9.34
N LYS A 43 12.28 3.43 -9.77
CA LYS A 43 10.90 2.93 -9.71
C LYS A 43 10.74 1.69 -10.57
N GLN A 44 11.30 1.71 -11.78
CA GLN A 44 11.22 0.54 -12.64
C GLN A 44 11.89 -0.67 -11.98
N VAL A 45 13.14 -0.50 -11.54
CA VAL A 45 13.88 -1.65 -11.01
C VAL A 45 13.26 -2.14 -9.70
N TYR A 46 12.63 -1.26 -8.93
CA TYR A 46 11.98 -1.66 -7.69
C TYR A 46 10.68 -2.41 -7.96
N ARG A 47 9.88 -1.92 -8.91
CA ARG A 47 8.61 -2.60 -9.20
C ARG A 47 8.83 -3.92 -9.92
N ALA A 48 10.00 -4.14 -10.52
CA ALA A 48 10.26 -5.39 -11.24
C ALA A 48 10.93 -6.45 -10.37
N THR A 49 10.67 -6.47 -9.07
CA THR A 49 11.33 -7.40 -8.15
C THR A 49 10.35 -7.83 -7.07
N HIS A 50 10.60 -9.00 -6.48
CA HIS A 50 9.78 -9.53 -5.39
C HIS A 50 10.68 -9.90 -4.22
N ARG A 51 10.35 -9.39 -3.04
CA ARG A 51 11.08 -9.69 -1.81
C ARG A 51 10.31 -10.70 -0.97
N LEU A 52 11.07 -11.55 -0.27
CA LEU A 52 10.50 -12.62 0.55
C LEU A 52 11.20 -12.65 1.90
N LEU A 53 10.57 -13.33 2.85
CA LEU A 53 11.11 -13.51 4.18
C LEU A 53 11.10 -14.98 4.55
N LEU A 54 12.16 -15.43 5.20
CA LEU A 54 12.34 -16.83 5.58
C LEU A 54 12.31 -16.95 7.11
N LEU A 55 11.42 -17.81 7.61
CA LEU A 55 11.20 -17.95 9.05
C LEU A 55 11.15 -19.44 9.39
N GLY A 56 12.28 -19.98 9.86
CA GLY A 56 12.37 -21.38 10.18
C GLY A 56 12.73 -21.66 11.62
N ALA A 57 13.37 -22.80 11.87
CA ALA A 57 13.74 -23.22 13.21
C ALA A 57 15.15 -23.79 13.21
N ASP A 58 15.73 -23.84 14.41
CA ASP A 58 17.13 -24.25 14.53
C ASP A 58 17.34 -25.69 14.05
N ASN A 59 16.45 -26.60 14.45
CA ASN A 59 16.57 -27.98 14.01
C ASN A 59 16.18 -28.16 12.54
N SER A 60 15.33 -27.28 12.01
CA SER A 60 14.95 -27.32 10.61
C SER A 60 16.08 -26.75 9.75
N GLY A 61 16.01 -27.05 8.46
CA GLY A 61 16.96 -26.50 7.51
C GLY A 61 16.49 -25.20 6.91
N LYS A 62 16.27 -24.19 7.76
CA LYS A 62 15.81 -22.89 7.26
C LYS A 62 16.83 -22.30 6.31
N SER A 63 18.09 -22.23 6.72
CA SER A 63 19.13 -21.68 5.86
C SER A 63 19.60 -22.67 4.81
N THR A 64 19.29 -23.95 4.98
CA THR A 64 19.75 -24.96 4.03
C THR A 64 19.14 -24.74 2.65
N ILE A 65 17.84 -24.45 2.60
CA ILE A 65 17.18 -24.27 1.30
C ILE A 65 17.67 -23.00 0.61
N VAL A 66 18.07 -21.99 1.38
CA VAL A 66 18.60 -20.77 0.77
C VAL A 66 19.87 -21.09 -0.03
N LYS A 67 20.80 -21.81 0.57
CA LYS A 67 22.00 -22.21 -0.15
C LYS A 67 21.66 -23.18 -1.27
N GLN A 68 20.69 -24.08 -1.03
CA GLN A 68 20.35 -25.09 -2.02
C GLN A 68 19.83 -24.46 -3.31
N MET A 69 18.99 -23.43 -3.19
CA MET A 69 18.48 -22.76 -4.38
C MET A 69 19.35 -21.60 -4.83
N ARG A 70 20.33 -21.18 -4.02
CA ARG A 70 21.32 -20.22 -4.51
C ARG A 70 22.34 -20.90 -5.41
N SER A 83 27.65 -8.29 9.58
CA SER A 83 26.89 -9.36 10.23
C SER A 83 25.40 -9.05 10.22
N GLY A 84 24.59 -10.09 10.45
CA GLY A 84 23.15 -9.91 10.48
C GLY A 84 22.41 -10.66 9.39
N ILE A 85 21.85 -9.91 8.44
CA ILE A 85 20.99 -10.52 7.42
C ILE A 85 21.84 -11.28 6.42
N PHE A 86 21.47 -12.53 6.15
CA PHE A 86 22.10 -13.35 5.13
C PHE A 86 21.23 -13.28 3.87
N GLU A 87 21.45 -12.23 3.08
CA GLU A 87 20.67 -12.01 1.88
C GLU A 87 20.95 -13.07 0.83
N THR A 88 19.94 -13.38 0.03
CA THR A 88 20.07 -14.33 -1.06
C THR A 88 19.42 -13.73 -2.31
N LYS A 89 19.90 -14.16 -3.47
CA LYS A 89 19.39 -13.67 -4.75
C LYS A 89 19.25 -14.84 -5.70
N PHE A 90 18.05 -15.01 -6.27
CA PHE A 90 17.81 -16.03 -7.26
C PHE A 90 16.79 -15.50 -8.27
N GLN A 91 16.76 -16.13 -9.44
CA GLN A 91 15.94 -15.68 -10.55
C GLN A 91 15.31 -16.88 -11.24
N VAL A 92 14.00 -16.82 -11.45
CA VAL A 92 13.26 -17.87 -12.13
C VAL A 92 12.46 -17.24 -13.26
N ASP A 93 12.77 -17.65 -14.50
CA ASP A 93 12.05 -17.19 -15.69
C ASP A 93 12.10 -15.67 -15.82
N LYS A 94 13.30 -15.11 -15.69
CA LYS A 94 13.56 -13.69 -15.91
C LYS A 94 12.75 -12.80 -14.97
N VAL A 95 12.46 -13.29 -13.77
CA VAL A 95 11.81 -12.50 -12.72
C VAL A 95 12.71 -12.53 -11.50
N ASN A 96 12.91 -11.36 -10.90
CA ASN A 96 13.89 -11.20 -9.83
C ASN A 96 13.27 -11.50 -8.47
N PHE A 97 13.93 -12.36 -7.71
CA PHE A 97 13.54 -12.72 -6.36
C PHE A 97 14.68 -12.40 -5.41
N HIS A 98 14.35 -11.98 -4.19
CA HIS A 98 15.37 -11.56 -3.22
C HIS A 98 14.77 -11.72 -1.82
N MET A 99 15.16 -12.79 -1.13
CA MET A 99 14.67 -13.03 0.22
C MET A 99 15.77 -12.77 1.24
N PHE A 100 15.34 -12.48 2.46
CA PHE A 100 16.23 -12.08 3.53
C PHE A 100 16.01 -12.99 4.73
N ASP A 101 17.11 -13.44 5.35
CA ASP A 101 17.08 -14.35 6.49
C ASP A 101 17.65 -13.58 7.67
N VAL A 102 16.77 -13.09 8.53
CA VAL A 102 17.17 -12.34 9.71
C VAL A 102 17.56 -13.33 10.81
N GLY A 103 18.86 -13.42 11.10
CA GLY A 103 19.32 -14.37 12.08
C GLY A 103 20.34 -13.81 13.05
N GLY A 104 20.64 -12.52 12.92
CA GLY A 104 21.56 -11.88 13.83
C GLY A 104 20.85 -11.12 14.93
N GLN A 105 19.77 -11.71 15.45
CA GLN A 105 18.94 -11.07 16.45
C GLN A 105 18.71 -12.01 17.62
N ARG A 106 17.96 -11.53 18.61
CA ARG A 106 17.70 -12.24 19.84
C ARG A 106 16.49 -13.17 19.68
N ASP A 107 16.02 -13.72 20.79
CA ASP A 107 14.86 -14.61 20.75
C ASP A 107 13.59 -13.83 20.43
N GLU A 108 13.47 -12.60 20.92
CA GLU A 108 12.29 -11.79 20.64
C GLU A 108 12.15 -11.54 19.14
N ARG A 109 10.91 -11.58 18.66
CA ARG A 109 10.62 -11.50 17.24
C ARG A 109 9.48 -10.54 16.91
N ARG A 110 8.74 -10.07 17.90
CA ARG A 110 7.49 -9.38 17.65
C ARG A 110 7.64 -7.96 17.09
N LYS A 111 8.86 -7.41 17.04
CA LYS A 111 9.05 -6.05 16.54
C LYS A 111 9.65 -6.00 15.14
N TRP A 112 10.78 -6.64 14.90
CA TRP A 112 11.35 -6.58 13.55
C TRP A 112 10.56 -7.40 12.55
N ILE A 113 9.58 -8.19 13.01
CA ILE A 113 8.72 -8.92 12.09
C ILE A 113 7.87 -7.97 11.26
N GLN A 114 7.60 -6.77 11.79
CA GLN A 114 6.76 -5.80 11.08
C GLN A 114 7.46 -5.20 9.87
N CYS A 115 8.78 -5.36 9.75
CA CYS A 115 9.48 -4.86 8.56
C CYS A 115 8.99 -5.56 7.31
N PHE A 116 8.74 -6.87 7.40
CA PHE A 116 8.36 -7.67 6.24
C PHE A 116 6.84 -7.77 6.16
N ASN A 117 6.23 -6.63 5.85
CA ASN A 117 4.79 -6.55 5.66
C ASN A 117 4.40 -6.48 4.19
N ASP A 118 5.25 -5.91 3.34
CA ASP A 118 4.96 -5.72 1.93
C ASP A 118 5.55 -6.81 1.06
N VAL A 119 6.15 -7.83 1.65
CA VAL A 119 6.75 -8.90 0.86
C VAL A 119 5.67 -9.68 0.12
N THR A 120 6.09 -10.34 -0.96
CA THR A 120 5.15 -11.16 -1.72
C THR A 120 4.60 -12.30 -0.87
N ALA A 121 5.46 -12.94 -0.09
CA ALA A 121 5.05 -14.04 0.77
C ALA A 121 6.06 -14.22 1.88
N ILE A 122 5.58 -14.72 3.02
CA ILE A 122 6.43 -15.09 4.14
C ILE A 122 6.59 -16.60 4.12
N ILE A 123 7.83 -17.07 4.01
CA ILE A 123 8.11 -18.50 4.00
C ILE A 123 8.35 -18.92 5.44
N PHE A 124 7.38 -19.62 6.03
CA PHE A 124 7.51 -20.13 7.40
C PHE A 124 7.84 -21.60 7.31
N VAL A 125 9.13 -21.90 7.39
CA VAL A 125 9.65 -23.26 7.50
C VAL A 125 9.32 -23.76 8.92
N VAL A 126 8.91 -25.01 9.04
CA VAL A 126 8.43 -25.55 10.30
C VAL A 126 9.31 -26.72 10.72
N ASP A 127 9.42 -26.90 12.03
CA ASP A 127 10.24 -27.97 12.60
C ASP A 127 9.33 -29.14 13.02
N SER A 128 8.91 -29.92 12.03
CA SER A 128 8.12 -31.11 12.29
C SER A 128 9.00 -32.31 12.62
N SER A 129 9.92 -32.11 13.56
CA SER A 129 10.87 -33.15 13.99
C SER A 129 10.34 -33.92 15.19
N ASP A 130 10.07 -33.23 16.29
CA ASP A 130 9.61 -33.86 17.52
C ASP A 130 8.30 -33.23 17.95
N TYR A 131 7.39 -34.05 18.47
CA TYR A 131 6.08 -33.56 18.86
C TYR A 131 6.16 -32.49 19.95
N ASN A 132 7.20 -32.51 20.77
CA ASN A 132 7.39 -31.44 21.74
C ASN A 132 7.73 -30.12 21.07
N ARG A 133 8.06 -30.13 19.78
CA ARG A 133 8.33 -28.92 19.03
C ARG A 133 7.26 -28.60 17.98
N LEU A 134 6.26 -29.47 17.80
CA LEU A 134 5.16 -29.11 16.91
C LEU A 134 4.18 -28.15 17.57
N GLN A 135 4.09 -28.15 18.91
CA GLN A 135 3.10 -27.30 19.56
C GLN A 135 3.44 -25.83 19.37
N GLU A 136 4.69 -25.45 19.62
CA GLU A 136 5.08 -24.06 19.34
C GLU A 136 5.08 -23.79 17.84
N ALA A 137 5.19 -24.83 17.02
CA ALA A 137 5.03 -24.65 15.58
C ALA A 137 3.61 -24.19 15.24
N LEU A 138 2.61 -24.87 15.80
CA LEU A 138 1.23 -24.44 15.61
C LEU A 138 1.01 -23.06 16.20
N ASN A 139 1.59 -22.80 17.38
CA ASN A 139 1.41 -21.51 18.03
C ASN A 139 2.00 -20.40 17.17
N LEU A 140 3.14 -20.65 16.53
CA LEU A 140 3.76 -19.63 15.69
C LEU A 140 3.00 -19.43 14.38
N PHE A 141 2.57 -20.53 13.74
CA PHE A 141 1.66 -20.39 12.60
C PHE A 141 0.44 -19.55 12.96
N LYS A 142 -0.13 -19.77 14.14
CA LYS A 142 -1.37 -19.07 14.49
C LYS A 142 -1.12 -17.61 14.84
N SER A 143 -0.02 -17.33 15.54
CA SER A 143 0.32 -15.94 15.86
C SER A 143 0.69 -15.16 14.61
N ILE A 144 1.38 -15.79 13.66
CA ILE A 144 1.64 -15.15 12.38
C ILE A 144 0.32 -14.93 11.63
N TRP A 145 -0.55 -15.93 11.63
CA TRP A 145 -1.84 -15.84 10.96
C TRP A 145 -2.65 -14.67 11.48
N ASN A 146 -2.98 -14.70 12.77
CA ASN A 146 -3.82 -13.66 13.38
C ASN A 146 -2.98 -12.47 13.83
N ASN A 147 -2.14 -11.97 12.94
CA ASN A 147 -1.32 -10.80 13.17
C ASN A 147 -1.90 -9.62 12.40
N ARG A 148 -1.65 -8.41 12.90
CA ARG A 148 -2.18 -7.23 12.24
C ARG A 148 -1.64 -7.10 10.81
N TRP A 149 -0.35 -7.34 10.63
CA TRP A 149 0.32 -7.06 9.37
C TRP A 149 0.68 -8.30 8.59
N LEU A 150 0.21 -9.48 9.00
CA LEU A 150 0.50 -10.71 8.29
C LEU A 150 -0.76 -11.44 7.84
N ARG A 151 -1.94 -10.84 8.00
CA ARG A 151 -3.16 -11.49 7.55
C ARG A 151 -3.31 -11.47 6.03
N THR A 152 -2.73 -10.49 5.34
CA THR A 152 -2.78 -10.43 3.90
C THR A 152 -1.63 -11.16 3.23
N ILE A 153 -0.66 -11.65 3.99
CA ILE A 153 0.52 -12.28 3.43
C ILE A 153 0.26 -13.78 3.32
N SER A 154 0.34 -14.30 2.11
CA SER A 154 0.11 -15.72 1.86
C SER A 154 1.35 -16.50 2.29
N VAL A 155 1.31 -17.05 3.50
CA VAL A 155 2.45 -17.82 3.99
C VAL A 155 2.56 -19.13 3.21
N ILE A 156 3.75 -19.70 3.22
CA ILE A 156 4.03 -20.97 2.55
C ILE A 156 4.47 -21.96 3.62
N LEU A 157 3.83 -23.13 3.63
CA LEU A 157 4.15 -24.20 4.56
C LEU A 157 4.92 -25.28 3.82
N PHE A 158 6.19 -25.45 4.17
CA PHE A 158 7.04 -26.47 3.56
C PHE A 158 7.12 -27.73 4.40
N LEU A 159 6.77 -27.67 5.68
CA LEU A 159 6.81 -28.82 6.59
C LEU A 159 8.19 -29.48 6.57
N ASN A 160 9.18 -28.71 7.01
CA ASN A 160 10.56 -29.16 6.91
C ASN A 160 10.82 -30.29 7.89
N LYS A 161 11.87 -31.05 7.60
CA LYS A 161 12.24 -32.24 8.38
C LYS A 161 11.09 -33.24 8.39
N GLN A 162 10.53 -33.48 7.21
CA GLN A 162 9.51 -34.50 7.06
C GLN A 162 10.07 -35.89 7.37
N ASP A 163 11.34 -36.11 7.01
CA ASP A 163 11.92 -37.44 7.17
C ASP A 163 12.05 -37.86 8.62
N LEU A 164 12.40 -36.92 9.52
CA LEU A 164 12.49 -37.27 10.93
C LEU A 164 11.14 -37.71 11.50
N LEU A 165 10.09 -36.93 11.22
CA LEU A 165 8.75 -37.31 11.61
C LEU A 165 8.38 -38.67 11.06
N ALA A 166 8.59 -38.87 9.75
CA ALA A 166 8.19 -40.11 9.11
C ALA A 166 8.92 -41.31 9.69
N GLU A 167 10.23 -41.15 9.95
CA GLU A 167 11.03 -42.28 10.42
C GLU A 167 10.84 -42.56 11.90
N LYS A 168 10.34 -41.61 12.69
CA LYS A 168 10.19 -41.91 14.10
C LYS A 168 8.75 -42.21 14.52
N VAL A 169 7.73 -41.60 13.89
CA VAL A 169 6.38 -42.06 14.20
C VAL A 169 6.19 -43.48 13.66
N LEU A 170 6.89 -43.84 12.59
CA LEU A 170 6.85 -45.20 12.07
C LEU A 170 7.62 -46.15 12.98
N ALA A 171 8.79 -45.72 13.47
CA ALA A 171 9.56 -46.55 14.39
C ALA A 171 8.81 -46.76 15.70
N GLY A 172 8.13 -45.72 16.19
CA GLY A 172 7.37 -45.83 17.41
C GLY A 172 8.04 -45.16 18.59
N LYS A 173 7.92 -45.78 19.77
CA LYS A 173 8.53 -45.31 21.00
C LYS A 173 7.99 -43.94 21.42
N SER A 174 7.01 -43.42 20.68
CA SER A 174 6.41 -42.13 21.00
C SER A 174 5.11 -42.00 20.22
N LYS A 175 4.03 -41.63 20.91
CA LYS A 175 2.71 -41.54 20.32
C LYS A 175 2.24 -40.10 20.29
N ILE A 176 1.63 -39.71 19.17
CA ILE A 176 1.06 -38.37 19.02
C ILE A 176 -0.12 -38.19 19.97
N GLU A 177 -0.81 -39.28 20.30
CA GLU A 177 -1.90 -39.25 21.27
C GLU A 177 -1.46 -38.64 22.60
N ASP A 178 -0.21 -38.84 22.99
CA ASP A 178 0.30 -38.31 24.25
C ASP A 178 0.47 -36.79 24.22
N TYR A 179 0.60 -36.20 23.04
CA TYR A 179 0.72 -34.76 22.91
C TYR A 179 -0.59 -34.12 22.43
N PHE A 180 -1.15 -34.63 21.35
CA PHE A 180 -2.47 -34.21 20.86
C PHE A 180 -3.36 -35.43 20.77
N PRO A 181 -4.28 -35.64 21.72
CA PRO A 181 -5.01 -36.92 21.77
C PRO A 181 -6.07 -37.09 20.69
N GLU A 182 -5.68 -36.97 19.42
CA GLU A 182 -6.62 -37.19 18.32
C GLU A 182 -5.96 -37.91 17.14
N PHE A 183 -4.90 -38.67 17.36
CA PHE A 183 -4.16 -39.29 16.25
C PHE A 183 -4.94 -40.46 15.66
N ALA A 184 -5.49 -41.32 16.51
CA ALA A 184 -6.02 -42.60 16.06
C ALA A 184 -7.22 -42.45 15.14
N ARG A 185 -8.11 -41.50 15.45
CA ARG A 185 -9.33 -41.34 14.67
C ARG A 185 -9.07 -40.63 13.35
N TYR A 186 -8.24 -41.23 12.49
CA TYR A 186 -7.96 -40.67 11.17
C TYR A 186 -7.45 -41.78 10.27
N THR A 187 -7.54 -41.56 8.97
CA THR A 187 -7.15 -42.57 7.99
C THR A 187 -6.15 -42.01 6.97
N THR A 188 -5.87 -42.77 5.92
CA THR A 188 -4.88 -42.37 4.93
C THR A 188 -5.40 -41.20 4.10
N PRO A 189 -4.72 -40.06 4.06
CA PRO A 189 -5.06 -39.03 3.08
C PRO A 189 -4.81 -39.54 1.66
N GLU A 190 -5.63 -39.06 0.73
CA GLU A 190 -5.56 -39.54 -0.64
C GLU A 190 -4.36 -38.93 -1.36
N ASP A 191 -3.43 -39.80 -1.78
CA ASP A 191 -2.28 -39.40 -2.60
C ASP A 191 -1.48 -38.29 -1.96
N ALA A 192 -1.29 -38.38 -0.64
CA ALA A 192 -0.43 -37.46 0.08
C ALA A 192 0.98 -38.02 0.06
N THR A 193 1.74 -37.62 -0.96
CA THR A 193 3.12 -38.08 -1.15
C THR A 193 3.15 -39.60 -1.27
N PRO A 194 2.70 -40.17 -2.41
CA PRO A 194 2.67 -41.63 -2.57
C PRO A 194 3.97 -42.30 -2.15
N GLU A 195 3.90 -43.16 -1.15
CA GLU A 195 4.98 -43.88 -0.52
C GLU A 195 5.04 -45.32 -1.00
N PRO A 196 6.24 -45.89 -1.17
CA PRO A 196 6.32 -47.32 -1.51
C PRO A 196 5.65 -48.20 -0.47
N GLY A 197 5.71 -47.82 0.80
CA GLY A 197 5.02 -48.52 1.85
C GLY A 197 3.74 -47.80 2.26
N GLU A 198 2.59 -48.42 1.98
CA GLU A 198 1.31 -47.77 2.27
C GLU A 198 1.02 -47.76 3.76
N ASP A 199 1.77 -46.95 4.51
CA ASP A 199 1.58 -46.87 5.95
C ASP A 199 0.55 -45.79 6.26
N PRO A 200 -0.61 -46.15 6.81
CA PRO A 200 -1.59 -45.11 7.20
C PRO A 200 -1.05 -44.16 8.25
N ARG A 201 -0.22 -44.65 9.16
CA ARG A 201 0.19 -43.86 10.32
C ARG A 201 0.94 -42.60 9.90
N VAL A 202 1.93 -42.75 9.00
CA VAL A 202 2.77 -41.61 8.63
C VAL A 202 1.96 -40.58 7.86
N THR A 203 1.14 -41.02 6.92
CA THR A 203 0.34 -40.09 6.13
C THR A 203 -0.70 -39.37 6.98
N ARG A 204 -1.35 -40.11 7.89
CA ARG A 204 -2.35 -39.47 8.73
C ARG A 204 -1.71 -38.57 9.78
N ALA A 205 -0.46 -38.83 10.17
CA ALA A 205 0.25 -37.87 11.01
C ALA A 205 0.64 -36.64 10.22
N LYS A 206 1.09 -36.82 8.97
CA LYS A 206 1.29 -35.70 8.06
C LYS A 206 0.08 -34.79 8.07
N TYR A 207 -1.07 -35.33 7.70
CA TYR A 207 -2.25 -34.48 7.59
C TYR A 207 -2.87 -34.12 8.93
N PHE A 208 -2.51 -34.81 10.01
CA PHE A 208 -2.94 -34.37 11.33
C PHE A 208 -2.22 -33.10 11.75
N ILE A 209 -0.90 -33.04 11.54
CA ILE A 209 -0.21 -31.79 11.79
C ILE A 209 -0.68 -30.73 10.79
N ARG A 210 -0.98 -31.14 9.56
CA ARG A 210 -1.54 -30.22 8.58
C ARG A 210 -2.81 -29.57 9.09
N ASP A 211 -3.78 -30.38 9.54
CA ASP A 211 -5.03 -29.83 10.05
C ASP A 211 -4.85 -29.13 11.38
N GLU A 212 -3.81 -29.46 12.14
CA GLU A 212 -3.49 -28.67 13.32
C GLU A 212 -3.13 -27.25 12.94
N PHE A 213 -2.34 -27.09 11.87
CA PHE A 213 -2.11 -25.74 11.33
C PHE A 213 -3.37 -25.14 10.73
N LEU A 214 -4.21 -25.96 10.09
CA LEU A 214 -5.45 -25.51 9.48
C LEU A 214 -6.54 -25.16 10.49
N ARG A 215 -6.35 -25.52 11.77
CA ARG A 215 -7.34 -25.18 12.78
C ARG A 215 -7.61 -23.68 12.81
N ILE A 216 -6.59 -22.87 12.52
CA ILE A 216 -6.80 -21.45 12.26
C ILE A 216 -6.26 -21.01 10.90
N SER A 217 -5.56 -21.88 10.15
CA SER A 217 -5.23 -21.54 8.77
C SER A 217 -6.48 -21.43 7.91
N THR A 218 -7.42 -22.36 8.08
CA THR A 218 -8.64 -22.36 7.29
C THR A 218 -9.87 -21.89 8.06
N ALA A 219 -9.73 -21.53 9.34
CA ALA A 219 -10.87 -21.05 10.09
C ALA A 219 -10.95 -19.52 10.07
N SER A 220 -9.92 -18.85 10.59
CA SER A 220 -9.86 -17.41 10.55
C SER A 220 -9.24 -16.94 9.25
N GLY A 221 -9.83 -15.90 8.66
CA GLY A 221 -9.37 -15.40 7.38
C GLY A 221 -10.48 -15.33 6.35
N ASP A 222 -10.49 -14.25 5.57
CA ASP A 222 -11.53 -14.02 4.57
C ASP A 222 -11.08 -14.38 3.16
N GLY A 223 -9.97 -15.12 3.02
CA GLY A 223 -9.44 -15.46 1.72
C GLY A 223 -8.35 -14.54 1.22
N ARG A 224 -7.92 -13.57 2.03
CA ARG A 224 -6.85 -12.66 1.62
C ARG A 224 -5.53 -13.42 1.43
N HIS A 225 -5.26 -14.38 2.31
CA HIS A 225 -4.08 -15.22 2.22
C HIS A 225 -4.48 -16.67 2.08
N TYR A 226 -3.48 -17.56 2.14
CA TYR A 226 -3.72 -18.99 1.97
C TYR A 226 -2.61 -19.73 2.71
N CYS A 227 -2.62 -21.06 2.59
CA CYS A 227 -1.67 -21.92 3.28
C CYS A 227 -0.72 -22.67 2.36
N TYR A 228 -1.16 -23.03 1.16
CA TYR A 228 -0.35 -23.68 0.13
C TYR A 228 0.46 -24.82 0.72
N PRO A 229 -0.18 -25.93 1.10
CA PRO A 229 0.55 -26.97 1.84
C PRO A 229 1.59 -27.68 0.97
N HIS A 230 2.79 -27.82 1.54
CA HIS A 230 3.85 -28.58 0.91
C HIS A 230 4.56 -29.41 1.96
N PHE A 231 5.16 -30.52 1.52
CA PHE A 231 5.94 -31.40 2.36
C PHE A 231 7.35 -31.48 1.80
N THR A 232 8.33 -30.99 2.55
CA THR A 232 9.70 -30.91 2.04
C THR A 232 10.69 -31.39 3.09
N CYS A 233 11.76 -32.01 2.62
CA CYS A 233 12.94 -32.28 3.45
C CYS A 233 13.95 -31.16 3.25
N ALA A 234 15.19 -31.39 3.68
CA ALA A 234 16.29 -30.47 3.40
C ALA A 234 16.81 -30.52 1.97
N VAL A 235 16.69 -31.65 1.28
CA VAL A 235 17.13 -31.74 -0.11
C VAL A 235 15.94 -32.06 -1.03
N ASP A 236 15.44 -31.03 -1.71
CA ASP A 236 14.35 -31.20 -2.67
C ASP A 236 14.66 -30.55 -4.00
N THR A 237 15.39 -29.42 -3.96
CA THR A 237 15.74 -28.67 -5.18
C THR A 237 14.46 -28.31 -5.93
N GLU A 238 13.39 -28.03 -5.18
CA GLU A 238 12.08 -27.74 -5.83
C GLU A 238 11.34 -26.62 -5.07
N ASN A 239 12.05 -25.81 -4.29
CA ASN A 239 11.36 -24.77 -3.52
C ASN A 239 11.32 -23.42 -4.23
N ALA A 240 12.35 -23.09 -5.00
CA ALA A 240 12.35 -21.80 -5.70
C ALA A 240 11.19 -21.71 -6.68
N ARG A 241 11.00 -22.75 -7.49
CA ARG A 241 9.91 -22.77 -8.46
C ARG A 241 8.56 -22.84 -7.78
N ARG A 242 8.47 -23.55 -6.66
CA ARG A 242 7.22 -23.62 -5.90
C ARG A 242 6.83 -22.25 -5.38
N ILE A 243 7.79 -21.52 -4.81
CA ILE A 243 7.54 -20.16 -4.35
C ILE A 243 7.15 -19.27 -5.53
N PHE A 244 7.79 -19.46 -6.68
CA PHE A 244 7.45 -18.66 -7.85
C PHE A 244 6.02 -18.92 -8.30
N ASN A 245 5.59 -20.18 -8.33
CA ASN A 245 4.23 -20.49 -8.72
C ASN A 245 3.21 -19.93 -7.74
N ASP A 246 3.48 -20.05 -6.43
CA ASP A 246 2.55 -19.49 -5.46
C ASP A 246 2.52 -17.97 -5.53
N CYS A 247 3.66 -17.34 -5.81
CA CYS A 247 3.68 -15.91 -6.05
C CYS A 247 2.81 -15.54 -7.24
N LYS A 248 2.90 -16.33 -8.32
CA LYS A 248 2.01 -16.12 -9.45
C LYS A 248 0.55 -16.21 -9.04
N ASP A 249 0.23 -17.15 -8.14
CA ASP A 249 -1.15 -17.27 -7.67
C ASP A 249 -1.59 -16.05 -6.87
N ILE A 250 -0.74 -15.55 -5.96
CA ILE A 250 -1.11 -14.36 -5.19
C ILE A 250 -1.27 -13.15 -6.10
N ILE A 251 -0.37 -12.99 -7.07
CA ILE A 251 -0.49 -11.87 -7.99
C ILE A 251 -1.73 -12.03 -8.87
N LEU A 252 -2.09 -13.27 -9.22
CA LEU A 252 -3.34 -13.49 -9.94
C LEU A 252 -4.54 -13.07 -9.12
N GLN A 253 -4.52 -13.39 -7.83
CA GLN A 253 -5.64 -13.00 -6.97
C GLN A 253 -5.77 -11.49 -6.85
N MET A 254 -4.66 -10.79 -6.60
CA MET A 254 -4.76 -9.34 -6.49
C MET A 254 -4.91 -8.65 -7.84
N ASN A 255 -4.63 -9.33 -8.96
CA ASN A 255 -4.99 -8.80 -10.26
C ASN A 255 -6.47 -8.99 -10.54
N LEU A 256 -7.05 -10.10 -10.09
CA LEU A 256 -8.49 -10.30 -10.15
C LEU A 256 -9.21 -9.21 -9.36
N ARG A 257 -8.70 -8.91 -8.17
CA ARG A 257 -9.31 -7.85 -7.37
C ARG A 257 -8.99 -6.47 -7.91
N GLU A 258 -7.84 -6.29 -8.56
CA GLU A 258 -7.42 -4.97 -9.04
C GLU A 258 -8.16 -4.56 -10.30
N TYR A 259 -8.42 -5.50 -11.20
CA TYR A 259 -9.02 -5.20 -12.49
C TYR A 259 -10.53 -5.38 -12.51
N ASN A 260 -11.18 -5.31 -11.34
CA ASN A 260 -12.63 -5.31 -11.21
C ASN A 260 -13.26 -6.47 -11.96
N LEU A 261 -12.69 -7.65 -11.75
CA LEU A 261 -13.11 -8.86 -12.46
C LEU A 261 -13.74 -9.90 -11.55
N VAL A 262 -13.86 -9.61 -10.26
CA VAL A 262 -14.48 -10.53 -9.31
C VAL A 262 -15.98 -10.59 -9.55
N GLU B 9 22.02 -18.69 49.55
CA GLU B 9 22.32 -17.29 49.31
C GLU B 9 21.41 -16.72 48.23
N LEU B 10 21.05 -17.55 47.25
CA LEU B 10 20.19 -17.09 46.17
C LEU B 10 18.81 -16.69 46.67
N ASP B 11 18.24 -17.48 47.58
CA ASP B 11 16.94 -17.13 48.15
C ASP B 11 17.03 -15.84 48.98
N GLN B 12 18.11 -15.69 49.75
CA GLN B 12 18.28 -14.46 50.52
C GLN B 12 18.43 -13.25 49.61
N LEU B 13 19.17 -13.40 48.51
CA LEU B 13 19.32 -12.29 47.57
C LEU B 13 18.00 -11.96 46.88
N ARG B 14 17.20 -12.99 46.55
CA ARG B 14 15.89 -12.74 45.97
C ARG B 14 14.98 -11.99 46.95
N GLN B 15 15.00 -12.39 48.22
CA GLN B 15 14.23 -11.67 49.23
C GLN B 15 14.72 -10.23 49.39
N GLU B 16 16.04 -10.04 49.30
CA GLU B 16 16.60 -8.69 49.37
C GLU B 16 16.11 -7.83 48.22
N ALA B 17 16.14 -8.37 47.01
CA ALA B 17 15.60 -7.65 45.86
C ALA B 17 14.13 -7.35 46.04
N GLU B 18 13.38 -8.30 46.60
CA GLU B 18 11.96 -8.08 46.83
C GLU B 18 11.72 -6.92 47.77
N GLN B 19 12.45 -6.85 48.89
CA GLN B 19 12.17 -5.78 49.85
C GLN B 19 12.68 -4.44 49.32
N LEU B 20 13.76 -4.47 48.54
CA LEU B 20 14.22 -3.25 47.88
C LEU B 20 13.14 -2.71 46.93
N LYS B 21 12.54 -3.59 46.12
CA LYS B 21 11.47 -3.17 45.23
C LYS B 21 10.27 -2.66 46.02
N ASN B 22 9.95 -3.31 47.13
CA ASN B 22 8.83 -2.86 47.97
C ASN B 22 9.09 -1.46 48.52
N GLN B 23 10.31 -1.21 49.00
CA GLN B 23 10.63 0.11 49.53
C GLN B 23 10.61 1.17 48.42
N ILE B 24 11.07 0.81 47.22
CA ILE B 24 11.00 1.72 46.09
C ILE B 24 9.54 2.07 45.80
N ARG B 25 8.67 1.07 45.81
CA ARG B 25 7.26 1.31 45.57
C ARG B 25 6.67 2.22 46.65
N ASP B 26 7.05 1.99 47.91
CA ASP B 26 6.56 2.84 48.99
C ASP B 26 7.02 4.29 48.83
N ALA B 27 8.29 4.47 48.43
CA ALA B 27 8.81 5.83 48.21
C ALA B 27 8.07 6.52 47.09
N ARG B 28 7.84 5.81 45.98
CA ARG B 28 7.10 6.40 44.87
C ARG B 28 5.67 6.72 45.25
N LYS B 29 5.04 5.84 46.03
CA LYS B 29 3.68 6.10 46.48
C LYS B 29 3.60 7.33 47.36
N ALA B 30 4.58 7.49 48.26
CA ALA B 30 4.63 8.71 49.07
C ALA B 30 4.82 9.94 48.20
N CYS B 31 5.70 9.85 47.20
CA CYS B 31 5.95 10.98 46.31
C CYS B 31 4.83 11.24 45.32
N ALA B 32 3.85 10.35 45.22
CA ALA B 32 2.74 10.52 44.28
C ALA B 32 1.71 11.50 44.86
N ASP B 33 2.08 12.79 44.82
CA ASP B 33 1.22 13.82 45.37
C ASP B 33 -0.03 14.02 44.51
N ALA B 34 0.15 14.13 43.19
CA ALA B 34 -0.96 14.35 42.28
C ALA B 34 -0.53 13.94 40.88
N THR B 35 -1.52 13.79 40.00
CA THR B 35 -1.28 13.45 38.61
C THR B 35 -1.35 14.70 37.73
N LEU B 36 -0.93 14.53 36.48
CA LEU B 36 -0.92 15.65 35.55
C LEU B 36 -2.31 16.16 35.26
N SER B 37 -3.28 15.25 35.11
CA SER B 37 -4.63 15.65 34.68
C SER B 37 -5.31 16.53 35.71
N GLN B 38 -5.01 16.33 37.00
CA GLN B 38 -5.64 17.15 38.04
C GLN B 38 -5.21 18.61 37.91
N ILE B 39 -3.90 18.85 37.79
CA ILE B 39 -3.40 20.22 37.69
C ILE B 39 -3.80 20.84 36.36
N THR B 40 -3.63 20.10 35.26
CA THR B 40 -3.93 20.63 33.93
C THR B 40 -5.36 20.26 33.55
N ASN B 41 -6.31 20.86 34.28
CA ASN B 41 -7.72 20.62 34.04
C ASN B 41 -8.53 21.89 33.81
N ASN B 42 -7.88 23.06 33.80
CA ASN B 42 -8.59 24.33 33.66
C ASN B 42 -8.10 25.17 32.49
N ILE B 43 -7.12 24.70 31.72
CA ILE B 43 -6.61 25.47 30.58
C ILE B 43 -7.53 25.27 29.38
N ASP B 44 -7.54 26.26 28.49
CA ASP B 44 -8.40 26.20 27.32
C ASP B 44 -7.97 25.05 26.42
N PRO B 45 -8.89 24.23 25.94
CA PRO B 45 -8.51 23.16 25.01
C PRO B 45 -8.01 23.73 23.69
N VAL B 46 -7.12 22.98 23.04
CA VAL B 46 -6.51 23.45 21.80
C VAL B 46 -7.57 23.63 20.72
N GLY B 47 -8.43 22.65 20.55
CA GLY B 47 -9.45 22.68 19.50
C GLY B 47 -9.03 21.88 18.29
N ARG B 48 -9.89 21.94 17.27
CA ARG B 48 -9.69 21.16 16.06
C ARG B 48 -8.56 21.77 15.24
N ILE B 49 -7.40 21.11 15.24
CA ILE B 49 -6.27 21.51 14.40
C ILE B 49 -6.50 20.90 13.02
N GLN B 50 -7.02 21.71 12.09
CA GLN B 50 -7.36 21.25 10.75
C GLN B 50 -6.24 21.64 9.80
N MET B 51 -5.14 20.91 9.85
CA MET B 51 -4.05 21.14 8.94
C MET B 51 -4.40 20.62 7.54
N ARG B 52 -3.58 21.00 6.57
CA ARG B 52 -3.77 20.58 5.19
C ARG B 52 -2.44 20.14 4.60
N THR B 53 -2.52 19.27 3.59
CA THR B 53 -1.35 18.79 2.88
C THR B 53 -0.86 19.89 1.95
N ARG B 54 -0.06 20.80 2.50
CA ARG B 54 0.49 21.89 1.70
C ARG B 54 1.45 21.37 0.65
N ARG B 55 2.29 20.39 1.00
CA ARG B 55 3.24 19.79 0.09
C ARG B 55 3.03 18.29 0.03
N THR B 56 3.16 17.73 -1.16
CA THR B 56 3.10 16.28 -1.37
C THR B 56 4.40 15.86 -2.04
N LEU B 57 5.32 15.30 -1.25
CA LEU B 57 6.62 14.88 -1.76
C LEU B 57 6.49 13.47 -2.31
N ARG B 58 6.50 13.35 -3.63
CA ARG B 58 6.32 12.06 -4.30
C ARG B 58 7.63 11.71 -5.00
N GLY B 59 8.53 11.12 -4.24
CA GLY B 59 9.77 10.61 -4.79
C GLY B 59 10.14 9.25 -4.25
N HIS B 60 9.46 8.81 -3.21
CA HIS B 60 9.78 7.56 -2.54
C HIS B 60 9.01 6.40 -3.16
N LEU B 61 9.62 5.23 -3.13
CA LEU B 61 9.09 4.03 -3.77
C LEU B 61 8.40 3.09 -2.80
N ALA B 62 8.87 3.03 -1.55
CA ALA B 62 8.30 2.13 -0.55
C ALA B 62 7.88 2.90 0.70
N LYS B 63 7.46 2.18 1.73
CA LYS B 63 7.00 2.83 2.95
C LYS B 63 8.14 3.56 3.65
N ILE B 64 7.84 4.75 4.17
CA ILE B 64 8.83 5.57 4.85
C ILE B 64 8.90 5.13 6.31
N TYR B 65 10.07 4.67 6.74
CA TYR B 65 10.25 4.21 8.10
C TYR B 65 10.89 5.25 9.01
N ALA B 66 11.62 6.21 8.44
CA ALA B 66 12.29 7.22 9.24
C ALA B 66 12.53 8.45 8.39
N MET B 67 12.52 9.61 9.05
CA MET B 67 12.90 10.86 8.40
C MET B 67 13.42 11.81 9.47
N HIS B 68 14.18 12.81 9.03
CA HIS B 68 14.75 13.79 9.93
C HIS B 68 15.02 15.07 9.17
N TRP B 69 14.85 16.21 9.84
CA TRP B 69 15.07 17.51 9.22
C TRP B 69 16.44 18.06 9.60
N GLY B 70 16.99 18.86 8.71
CA GLY B 70 18.26 19.52 8.98
C GLY B 70 18.08 20.75 9.85
N THR B 71 19.22 21.30 10.28
CA THR B 71 19.18 22.45 11.17
C THR B 71 18.63 23.69 10.47
N ASP B 72 18.88 23.83 9.16
CA ASP B 72 18.46 25.00 8.42
C ASP B 72 16.95 25.10 8.23
N SER B 73 16.20 24.05 8.59
CA SER B 73 14.74 23.98 8.52
C SER B 73 14.22 23.88 7.09
N ARG B 74 15.10 23.70 6.11
CA ARG B 74 14.70 23.52 4.72
C ARG B 74 15.17 22.21 4.14
N LEU B 75 16.46 21.88 4.29
CA LEU B 75 16.99 20.62 3.78
C LEU B 75 16.71 19.52 4.79
N LEU B 76 15.88 18.56 4.41
CA LEU B 76 15.52 17.46 5.28
C LEU B 76 15.88 16.14 4.63
N VAL B 77 16.22 15.17 5.46
CA VAL B 77 16.59 13.86 4.99
C VAL B 77 15.41 12.92 5.21
N SER B 78 15.39 11.83 4.45
CA SER B 78 14.32 10.86 4.55
C SER B 78 14.85 9.50 4.09
N ALA B 79 14.47 8.46 4.81
CA ALA B 79 14.88 7.10 4.50
C ALA B 79 13.65 6.22 4.36
N SER B 80 13.61 5.43 3.30
CA SER B 80 12.51 4.52 3.03
C SER B 80 13.04 3.10 2.91
N GLN B 81 12.13 2.15 2.73
CA GLN B 81 12.49 0.74 2.71
C GLN B 81 13.05 0.29 1.37
N ASP B 82 13.04 1.15 0.36
CA ASP B 82 13.65 0.82 -0.92
C ASP B 82 15.17 0.98 -0.92
N GLY B 83 15.73 1.62 0.10
CA GLY B 83 17.15 1.86 0.16
C GLY B 83 17.55 3.20 -0.41
N LYS B 84 16.88 4.27 0.06
CA LYS B 84 17.12 5.61 -0.45
C LYS B 84 17.28 6.58 0.70
N LEU B 85 18.14 7.57 0.50
CA LEU B 85 18.32 8.69 1.43
C LEU B 85 18.21 9.96 0.59
N ILE B 86 17.00 10.44 0.39
CA ILE B 86 16.73 11.58 -0.47
C ILE B 86 16.85 12.86 0.34
N ILE B 87 17.71 13.77 -0.10
CA ILE B 87 17.81 15.09 0.50
C ILE B 87 16.89 16.02 -0.27
N TRP B 88 15.93 16.60 0.42
CA TRP B 88 14.90 17.41 -0.20
C TRP B 88 15.19 18.89 -0.04
N ASP B 89 14.55 19.69 -0.89
CA ASP B 89 14.55 21.15 -0.80
C ASP B 89 13.10 21.57 -0.62
N SER B 90 12.70 21.84 0.63
CA SER B 90 11.29 22.05 0.94
C SER B 90 10.74 23.28 0.24
N TYR B 91 11.52 24.37 0.19
CA TYR B 91 11.01 25.63 -0.32
C TYR B 91 10.68 25.53 -1.80
N THR B 92 11.54 24.88 -2.59
CA THR B 92 11.36 24.76 -4.02
C THR B 92 10.87 23.38 -4.45
N THR B 93 10.50 22.52 -3.50
CA THR B 93 10.03 21.17 -3.78
C THR B 93 11.04 20.39 -4.61
N ASN B 94 12.32 20.62 -4.33
CA ASN B 94 13.41 20.08 -5.13
C ASN B 94 14.17 19.00 -4.36
N LYS B 95 15.05 18.32 -5.07
CA LYS B 95 15.89 17.27 -4.51
C LYS B 95 17.35 17.66 -4.71
N VAL B 96 18.03 18.04 -3.62
CA VAL B 96 19.42 18.41 -3.71
C VAL B 96 20.28 17.20 -4.04
N HIS B 97 20.08 16.09 -3.31
CA HIS B 97 20.80 14.86 -3.54
C HIS B 97 19.86 13.69 -3.34
N ALA B 98 20.28 12.52 -3.83
CA ALA B 98 19.53 11.27 -3.64
C ALA B 98 20.57 10.19 -3.35
N ILE B 99 20.84 9.99 -2.06
CA ILE B 99 21.90 9.09 -1.62
C ILE B 99 21.39 7.65 -1.59
N PRO B 100 21.98 6.75 -2.38
CA PRO B 100 21.66 5.33 -2.22
C PRO B 100 22.28 4.78 -0.94
N LEU B 101 21.70 3.70 -0.44
CA LEU B 101 22.12 3.08 0.81
C LEU B 101 22.52 1.63 0.57
N ARG B 102 23.53 1.17 1.31
CA ARG B 102 23.98 -0.21 1.19
C ARG B 102 22.91 -1.18 1.66
N SER B 103 22.23 -0.87 2.75
CA SER B 103 21.19 -1.73 3.33
C SER B 103 19.84 -1.03 3.23
N SER B 104 18.84 -1.74 2.73
CA SER B 104 17.51 -1.17 2.54
C SER B 104 16.73 -1.06 3.85
N TRP B 105 16.93 -2.00 4.77
CA TRP B 105 16.14 -2.05 6.00
C TRP B 105 16.63 -0.98 6.98
N VAL B 106 16.35 0.27 6.63
CA VAL B 106 16.77 1.41 7.43
C VAL B 106 15.61 1.84 8.31
N MET B 107 15.86 1.94 9.62
CA MET B 107 14.85 2.33 10.59
C MET B 107 15.11 3.68 11.22
N THR B 108 16.24 4.32 10.92
CA THR B 108 16.52 5.64 11.46
C THR B 108 17.52 6.36 10.55
N CYS B 109 17.36 7.67 10.42
CA CYS B 109 18.31 8.52 9.71
C CYS B 109 18.51 9.79 10.51
N ALA B 110 19.73 10.32 10.47
CA ALA B 110 20.11 11.50 11.24
C ALA B 110 20.71 12.55 10.32
N TYR B 111 20.46 13.81 10.63
CA TYR B 111 21.00 14.94 9.89
C TYR B 111 21.95 15.69 10.80
N ALA B 112 23.16 15.96 10.31
CA ALA B 112 24.15 16.64 11.13
C ALA B 112 23.72 18.07 11.40
N PRO B 113 23.95 18.57 12.61
CA PRO B 113 23.62 19.98 12.90
C PRO B 113 24.33 20.97 11.99
N SER B 114 25.58 20.69 11.63
CA SER B 114 26.28 21.54 10.68
C SER B 114 25.79 21.31 9.25
N GLY B 115 25.40 20.07 8.94
CA GLY B 115 24.92 19.73 7.61
C GLY B 115 25.93 19.04 6.72
N ASN B 116 27.13 18.74 7.22
CA ASN B 116 28.17 18.15 6.38
C ASN B 116 28.03 16.64 6.25
N TYR B 117 27.22 16.00 7.08
CA TYR B 117 27.15 14.54 7.12
C TYR B 117 25.70 14.12 7.35
N VAL B 118 25.42 12.86 7.03
CA VAL B 118 24.14 12.23 7.33
C VAL B 118 24.41 10.82 7.81
N ALA B 119 23.70 10.40 8.86
CA ALA B 119 23.86 9.08 9.45
C ALA B 119 22.62 8.25 9.19
N CYS B 120 22.83 6.94 8.96
CA CYS B 120 21.72 6.04 8.70
C CYS B 120 22.10 4.65 9.21
N GLY B 121 21.09 3.83 9.44
CA GLY B 121 21.31 2.49 9.97
C GLY B 121 19.99 1.76 10.11
N GLY B 122 20.09 0.55 10.66
CA GLY B 122 18.92 -0.29 10.80
C GLY B 122 19.22 -1.72 11.20
N LEU B 123 18.64 -2.68 10.48
CA LEU B 123 18.81 -4.09 10.79
C LEU B 123 20.25 -4.57 10.62
N ASP B 124 21.11 -3.78 9.97
CA ASP B 124 22.50 -4.18 9.74
C ASP B 124 23.37 -4.07 10.99
N ASN B 125 22.84 -3.51 12.09
CA ASN B 125 23.59 -3.33 13.33
C ASN B 125 24.80 -2.43 13.13
N ILE B 126 24.74 -1.52 12.16
CA ILE B 126 25.86 -0.64 11.82
C ILE B 126 25.32 0.77 11.59
N CYS B 127 26.05 1.76 12.10
CA CYS B 127 25.76 3.16 11.85
C CYS B 127 26.75 3.69 10.81
N SER B 128 26.23 4.24 9.72
CA SER B 128 27.04 4.72 8.60
C SER B 128 27.05 6.24 8.58
N ILE B 129 28.19 6.80 8.18
CA ILE B 129 28.37 8.25 8.06
C ILE B 129 28.70 8.58 6.62
N TYR B 130 27.98 9.56 6.06
CA TYR B 130 28.18 10.01 4.68
C TYR B 130 28.72 11.43 4.67
N ASN B 131 29.13 11.87 3.48
CA ASN B 131 29.70 13.19 3.28
C ASN B 131 28.72 14.02 2.45
N LEU B 132 28.14 15.05 3.07
CA LEU B 132 27.06 15.81 2.43
C LEU B 132 27.58 17.06 1.70
N LYS B 133 28.21 17.97 2.45
CA LYS B 133 28.67 19.23 1.88
C LYS B 133 30.17 19.15 1.57
N THR B 134 30.49 18.37 0.55
CA THR B 134 31.86 18.20 0.14
C THR B 134 32.27 19.30 -0.84
N ARG B 135 33.59 19.48 -0.99
CA ARG B 135 34.11 20.37 -2.01
C ARG B 135 33.78 19.87 -3.41
N GLU B 136 33.90 18.56 -3.63
CA GLU B 136 33.59 17.99 -4.94
C GLU B 136 32.10 18.07 -5.24
N GLY B 137 31.26 17.84 -4.23
CA GLY B 137 29.82 17.88 -4.40
C GLY B 137 29.14 16.53 -4.53
N ASN B 138 29.89 15.44 -4.42
CA ASN B 138 29.34 14.09 -4.51
C ASN B 138 29.32 13.45 -3.14
N VAL B 139 28.22 12.79 -2.81
CA VAL B 139 28.05 12.18 -1.50
C VAL B 139 28.74 10.83 -1.47
N ARG B 140 29.65 10.65 -0.51
CA ARG B 140 30.37 9.40 -0.34
C ARG B 140 30.43 9.06 1.14
N VAL B 141 30.66 7.78 1.43
CA VAL B 141 30.79 7.35 2.82
C VAL B 141 32.04 7.97 3.43
N SER B 142 31.94 8.36 4.69
CA SER B 142 33.06 8.93 5.42
C SER B 142 33.70 7.91 6.37
N ARG B 143 32.89 7.05 6.98
CA ARG B 143 33.34 6.10 7.98
C ARG B 143 32.18 5.18 8.34
N GLU B 144 32.45 4.26 9.28
CA GLU B 144 31.44 3.34 9.76
C GLU B 144 31.58 3.14 11.26
N LEU B 145 30.50 2.68 11.88
CA LEU B 145 30.46 2.37 13.31
C LEU B 145 29.93 0.97 13.51
N ALA B 146 30.65 0.16 14.28
CA ALA B 146 30.27 -1.21 14.57
C ALA B 146 30.45 -1.49 16.06
N GLY B 147 29.63 -2.41 16.58
CA GLY B 147 29.70 -2.75 17.99
C GLY B 147 28.40 -3.12 18.67
N HIS B 148 27.27 -2.96 17.98
CA HIS B 148 25.97 -3.34 18.52
C HIS B 148 25.59 -4.73 18.02
N THR B 149 25.04 -5.55 18.91
CA THR B 149 24.61 -6.90 18.58
C THR B 149 23.12 -7.00 18.29
N GLY B 150 22.42 -5.87 18.26
CA GLY B 150 21.01 -5.85 17.92
C GLY B 150 20.73 -4.80 16.85
N TYR B 151 19.50 -4.84 16.34
CA TYR B 151 19.15 -3.94 15.26
C TYR B 151 19.08 -2.49 15.74
N LEU B 152 19.62 -1.60 14.92
CA LEU B 152 19.62 -0.18 15.26
C LEU B 152 18.21 0.37 15.19
N SER B 153 17.87 1.23 16.15
CA SER B 153 16.55 1.82 16.25
C SER B 153 16.53 3.33 16.13
N CYS B 154 17.51 4.01 16.74
CA CYS B 154 17.58 5.46 16.63
C CYS B 154 19.02 5.90 16.85
N CYS B 155 19.41 6.97 16.18
CA CYS B 155 20.75 7.53 16.33
C CYS B 155 20.69 9.02 15.99
N ARG B 156 21.33 9.83 16.83
CA ARG B 156 21.36 11.28 16.67
C ARG B 156 22.78 11.80 16.83
N PHE B 157 23.08 12.89 16.13
CA PHE B 157 24.39 13.53 16.22
C PHE B 157 24.48 14.31 17.53
N LEU B 158 25.46 13.96 18.37
CA LEU B 158 25.53 14.55 19.70
C LEU B 158 25.76 16.05 19.64
N ASP B 159 26.95 16.49 19.21
CA ASP B 159 27.11 17.88 18.80
C ASP B 159 27.65 17.98 17.38
N ASP B 160 28.89 17.58 17.14
CA ASP B 160 29.43 17.44 15.79
C ASP B 160 30.37 16.25 15.61
N ASN B 161 31.02 15.77 16.66
CA ASN B 161 32.02 14.71 16.57
C ASN B 161 31.69 13.55 17.49
N GLN B 162 30.46 13.46 17.98
CA GLN B 162 30.00 12.33 18.76
C GLN B 162 28.58 11.98 18.32
N ILE B 163 28.18 10.75 18.59
CA ILE B 163 26.86 10.27 18.16
C ILE B 163 26.39 9.21 19.15
N VAL B 164 25.10 9.23 19.46
CA VAL B 164 24.48 8.29 20.40
C VAL B 164 23.60 7.33 19.61
N THR B 165 23.78 6.03 19.82
CA THR B 165 23.05 5.00 19.11
C THR B 165 22.27 4.12 20.07
N SER B 166 21.11 3.65 19.61
CA SER B 166 20.25 2.75 20.37
C SER B 166 20.03 1.46 19.60
N SER B 167 19.85 0.36 20.33
CA SER B 167 19.78 -0.95 19.69
C SER B 167 18.84 -1.86 20.48
N GLY B 168 18.50 -2.98 19.86
CA GLY B 168 17.60 -3.97 20.42
C GLY B 168 18.23 -4.95 21.37
N ASP B 169 19.51 -4.78 21.69
CA ASP B 169 20.18 -5.61 22.69
C ASP B 169 20.10 -5.01 24.09
N THR B 170 19.09 -4.18 24.35
CA THR B 170 18.87 -3.55 25.65
C THR B 170 20.05 -2.67 26.07
N THR B 171 20.69 -2.01 25.10
CA THR B 171 21.82 -1.14 25.38
C THR B 171 21.77 0.11 24.50
N CYS B 172 22.48 1.14 24.97
CA CYS B 172 22.75 2.34 24.20
C CYS B 172 24.23 2.67 24.35
N ALA B 173 24.79 3.37 23.36
CA ALA B 173 26.23 3.60 23.33
C ALA B 173 26.54 4.97 22.76
N LEU B 174 27.76 5.44 23.05
CA LEU B 174 28.30 6.70 22.57
C LEU B 174 29.59 6.45 21.79
N TRP B 175 29.72 7.12 20.65
CA TRP B 175 30.87 6.96 19.78
C TRP B 175 31.66 8.26 19.66
N ASP B 176 32.89 8.14 19.19
CA ASP B 176 33.72 9.29 18.85
C ASP B 176 33.90 9.22 17.34
N ILE B 177 33.48 10.27 16.63
CA ILE B 177 33.49 10.24 15.18
C ILE B 177 34.89 10.42 14.60
N GLU B 178 35.88 10.76 15.41
CA GLU B 178 37.24 10.90 14.88
C GLU B 178 37.94 9.55 14.80
N THR B 179 38.01 8.81 15.92
CA THR B 179 38.80 7.59 15.99
C THR B 179 38.01 6.33 15.68
N GLY B 180 36.70 6.32 15.89
CA GLY B 180 35.91 5.13 15.60
C GLY B 180 35.86 4.11 16.72
N GLN B 181 35.61 4.54 17.95
CA GLN B 181 35.55 3.64 19.09
C GLN B 181 34.31 3.93 19.91
N GLN B 182 33.80 2.91 20.58
CA GLN B 182 32.65 3.03 21.47
C GLN B 182 33.16 3.48 22.83
N THR B 183 33.10 4.79 23.09
CA THR B 183 33.66 5.33 24.32
C THR B 183 32.92 4.82 25.55
N THR B 184 31.58 4.81 25.52
CA THR B 184 30.79 4.47 26.68
C THR B 184 29.64 3.56 26.25
N THR B 185 29.21 2.69 27.18
CA THR B 185 28.08 1.82 26.98
C THR B 185 27.09 1.99 28.15
N PHE B 186 25.82 1.77 27.86
CA PHE B 186 24.73 1.93 28.82
C PHE B 186 23.89 0.68 28.85
N THR B 187 23.92 -0.06 29.96
CA THR B 187 23.15 -1.29 30.11
C THR B 187 22.23 -1.18 31.31
N GLY B 188 21.25 -2.08 31.36
CA GLY B 188 20.28 -2.08 32.44
C GLY B 188 18.86 -2.43 32.03
N HIS B 189 18.51 -2.17 30.77
CA HIS B 189 17.21 -2.57 30.26
C HIS B 189 17.12 -4.09 30.12
N THR B 190 15.90 -4.59 30.03
CA THR B 190 15.67 -6.01 29.81
C THR B 190 14.95 -6.32 28.51
N GLY B 191 14.42 -5.31 27.80
CA GLY B 191 13.77 -5.51 26.53
C GLY B 191 14.35 -4.59 25.47
N ASP B 192 13.90 -4.81 24.23
CA ASP B 192 14.43 -4.06 23.09
C ASP B 192 14.19 -2.57 23.24
N VAL B 193 15.23 -1.78 23.02
CA VAL B 193 15.13 -0.32 23.08
C VAL B 193 14.62 0.18 21.74
N MET B 194 13.52 0.95 21.75
CA MET B 194 12.83 1.34 20.53
C MET B 194 13.17 2.75 20.06
N SER B 195 12.99 3.76 20.90
CA SER B 195 13.24 5.13 20.49
C SER B 195 14.16 5.81 21.47
N LEU B 196 14.83 6.86 20.99
CA LEU B 196 15.90 7.51 21.73
C LEU B 196 15.86 9.00 21.46
N SER B 197 16.01 9.80 22.50
CA SER B 197 15.95 11.25 22.36
C SER B 197 17.04 11.90 23.19
N LEU B 198 17.49 13.08 22.75
CA LEU B 198 18.61 13.77 23.34
C LEU B 198 18.17 15.10 23.93
N ALA B 199 18.76 15.45 25.07
CA ALA B 199 18.46 16.71 25.74
C ALA B 199 19.10 17.88 24.99
N PRO B 200 18.56 19.10 25.17
CA PRO B 200 19.19 20.26 24.53
C PRO B 200 20.63 20.48 24.94
N ASP B 201 20.98 20.22 26.20
CA ASP B 201 22.33 20.43 26.69
C ASP B 201 23.28 19.29 26.30
N THR B 202 22.76 18.20 25.74
CA THR B 202 23.56 17.05 25.34
C THR B 202 24.38 16.49 26.51
N ARG B 203 23.73 16.37 27.66
CA ARG B 203 24.35 15.76 28.84
C ARG B 203 23.58 14.58 29.39
N LEU B 204 22.29 14.43 29.06
CA LEU B 204 21.50 13.26 29.41
C LEU B 204 20.65 12.86 28.20
N PHE B 205 20.29 11.59 28.15
CA PHE B 205 19.36 11.13 27.12
C PHE B 205 18.49 10.02 27.69
N VAL B 206 17.29 9.87 27.12
CA VAL B 206 16.28 8.94 27.60
C VAL B 206 15.86 8.03 26.46
N SER B 207 15.31 6.87 26.81
CA SER B 207 14.91 5.87 25.84
C SER B 207 13.92 4.91 26.46
N GLY B 208 12.90 4.53 25.68
CA GLY B 208 11.96 3.52 26.09
C GLY B 208 12.37 2.14 25.61
N ALA B 209 11.61 1.13 26.05
CA ALA B 209 11.96 -0.24 25.74
C ALA B 209 10.71 -1.12 25.79
N CYS B 210 10.83 -2.31 25.21
CA CYS B 210 9.72 -3.25 25.13
C CYS B 210 9.56 -4.04 26.43
N ASP B 211 9.63 -3.35 27.56
CA ASP B 211 9.35 -3.99 28.85
C ASP B 211 8.54 -3.08 29.76
N ALA B 212 7.86 -2.07 29.21
CA ALA B 212 7.13 -1.08 29.99
C ALA B 212 8.06 -0.36 30.97
N SER B 213 9.27 -0.04 30.51
CA SER B 213 10.27 0.62 31.34
C SER B 213 10.92 1.75 30.55
N ALA B 214 11.26 2.83 31.25
CA ALA B 214 12.00 3.94 30.67
C ALA B 214 13.13 4.31 31.61
N LYS B 215 14.33 4.56 31.06
CA LYS B 215 15.50 4.85 31.87
C LYS B 215 16.23 6.06 31.34
N LEU B 216 16.83 6.83 32.25
CA LEU B 216 17.60 8.02 31.94
C LEU B 216 19.07 7.78 32.26
N TRP B 217 19.94 8.41 31.47
CA TRP B 217 21.37 8.13 31.52
C TRP B 217 22.19 9.42 31.56
N ASP B 218 23.43 9.28 32.01
CA ASP B 218 24.42 10.36 32.02
C ASP B 218 25.50 10.02 31.00
N VAL B 219 25.72 10.93 30.05
CA VAL B 219 26.64 10.64 28.94
C VAL B 219 28.09 10.61 29.41
N ARG B 220 28.47 11.57 30.26
CA ARG B 220 29.86 11.65 30.71
C ARG B 220 30.27 10.40 31.47
N GLU B 221 29.41 9.93 32.37
CA GLU B 221 29.61 8.66 33.05
C GLU B 221 28.90 7.56 32.25
N GLY B 222 28.75 6.39 32.86
CA GLY B 222 28.03 5.30 32.21
C GLY B 222 27.00 4.67 33.12
N MET B 223 26.32 5.47 33.93
CA MET B 223 25.43 4.97 34.96
C MET B 223 23.98 5.33 34.66
N CYS B 224 23.09 4.35 34.84
CA CYS B 224 21.66 4.62 34.82
C CYS B 224 21.26 5.27 36.14
N ARG B 225 20.30 6.18 36.07
CA ARG B 225 19.88 6.93 37.25
C ARG B 225 18.46 6.62 37.68
N GLN B 226 17.51 6.64 36.76
CA GLN B 226 16.10 6.54 37.09
C GLN B 226 15.41 5.53 36.19
N THR B 227 14.36 4.91 36.71
CA THR B 227 13.51 4.03 35.90
C THR B 227 12.05 4.33 36.18
N PHE B 228 11.21 4.08 35.18
CA PHE B 228 9.79 4.36 35.28
C PHE B 228 9.03 3.23 34.61
N THR B 229 8.03 2.68 35.28
CA THR B 229 7.25 1.55 34.76
C THR B 229 5.77 1.85 34.91
N GLY B 230 5.07 2.01 33.79
CA GLY B 230 3.65 2.30 33.85
C GLY B 230 2.76 1.54 32.89
N HIS B 231 3.34 0.85 31.92
CA HIS B 231 2.58 0.26 30.83
C HIS B 231 2.33 -1.23 31.07
N GLU B 232 1.52 -1.82 30.18
CA GLU B 232 1.20 -3.24 30.23
C GLU B 232 1.66 -3.98 28.98
N SER B 233 2.34 -3.29 28.06
CA SER B 233 2.91 -3.95 26.88
C SER B 233 4.18 -3.18 26.50
N ASP B 234 4.65 -3.39 25.28
CA ASP B 234 5.91 -2.82 24.83
C ASP B 234 5.77 -1.33 24.51
N ILE B 235 6.73 -0.54 25.00
CA ILE B 235 6.86 0.86 24.60
C ILE B 235 7.64 0.93 23.30
N ASN B 236 7.17 1.75 22.36
CA ASN B 236 7.74 1.78 21.03
C ASN B 236 8.17 3.16 20.53
N ALA B 237 7.93 4.23 21.29
CA ALA B 237 8.35 5.55 20.83
C ALA B 237 8.55 6.47 22.01
N ILE B 238 9.46 7.43 21.84
CA ILE B 238 9.78 8.39 22.89
C ILE B 238 10.27 9.67 22.23
N CYS B 239 10.02 10.80 22.89
CA CYS B 239 10.50 12.08 22.43
C CYS B 239 10.74 12.96 23.65
N PHE B 240 11.68 13.89 23.53
CA PHE B 240 12.11 14.71 24.65
C PHE B 240 11.37 16.04 24.62
N PHE B 241 10.83 16.44 25.77
CA PHE B 241 10.19 17.73 25.90
C PHE B 241 11.22 18.85 25.69
N PRO B 242 10.80 19.97 25.09
CA PRO B 242 11.77 21.02 24.75
C PRO B 242 12.56 21.58 25.93
N ASN B 243 11.97 21.63 27.13
CA ASN B 243 12.67 22.25 28.24
C ASN B 243 13.84 21.43 28.77
N GLY B 244 14.01 20.19 28.32
CA GLY B 244 15.06 19.33 28.80
C GLY B 244 14.66 18.42 29.95
N ASN B 245 13.43 18.52 30.41
CA ASN B 245 12.89 17.64 31.44
C ASN B 245 11.66 16.93 30.90
N ALA B 246 11.45 15.69 31.37
CA ALA B 246 10.29 14.88 31.05
C ALA B 246 10.30 14.40 29.60
N PHE B 247 9.37 13.51 29.27
CA PHE B 247 9.28 12.93 27.94
C PHE B 247 7.88 12.36 27.76
N ALA B 248 7.64 11.72 26.62
CA ALA B 248 6.36 11.10 26.32
C ALA B 248 6.59 9.77 25.64
N THR B 249 5.72 8.80 25.93
CA THR B 249 5.85 7.45 25.40
C THR B 249 4.51 6.95 24.86
N GLY B 250 4.58 6.10 23.82
CA GLY B 250 3.44 5.36 23.35
C GLY B 250 3.72 3.87 23.48
N SER B 251 2.67 3.08 23.38
CA SER B 251 2.81 1.64 23.59
C SER B 251 1.79 0.87 22.78
N ASP B 252 2.01 -0.44 22.69
CA ASP B 252 1.13 -1.34 21.96
C ASP B 252 -0.21 -1.58 22.66
N ASP B 253 -0.36 -1.16 23.91
CA ASP B 253 -1.62 -1.28 24.61
C ASP B 253 -2.59 -0.16 24.25
N ALA B 254 -2.33 0.58 23.17
CA ALA B 254 -3.18 1.66 22.67
C ALA B 254 -3.30 2.82 23.67
N THR B 255 -2.37 2.91 24.61
CA THR B 255 -2.38 3.96 25.62
C THR B 255 -1.03 4.65 25.62
N CYS B 256 -1.04 5.97 25.46
CA CYS B 256 0.16 6.78 25.50
C CYS B 256 0.30 7.42 26.87
N ARG B 257 1.50 7.37 27.43
CA ARG B 257 1.74 7.81 28.80
C ARG B 257 2.84 8.86 28.85
N LEU B 258 2.65 9.88 29.68
CA LEU B 258 3.64 10.91 29.91
C LEU B 258 4.36 10.65 31.23
N PHE B 259 5.68 10.82 31.22
CA PHE B 259 6.53 10.58 32.36
C PHE B 259 7.20 11.89 32.79
N ASP B 260 8.00 11.80 33.86
CA ASP B 260 8.82 12.91 34.30
C ASP B 260 9.98 12.37 35.10
N LEU B 261 11.11 13.09 35.07
CA LEU B 261 12.33 12.59 35.69
C LEU B 261 12.29 12.75 37.21
N ARG B 262 12.23 14.01 37.68
CA ARG B 262 12.28 14.25 39.12
C ARG B 262 11.07 13.68 39.84
N ALA B 263 9.95 13.55 39.14
CA ALA B 263 8.80 12.86 39.73
C ALA B 263 9.08 11.37 39.88
N ASP B 264 9.79 10.79 38.92
CA ASP B 264 10.12 9.36 38.93
C ASP B 264 8.87 8.49 38.98
N GLN B 265 7.88 8.84 38.16
CA GLN B 265 6.58 8.16 38.19
C GLN B 265 5.79 8.55 36.95
N GLU B 266 4.80 7.73 36.61
CA GLU B 266 3.90 8.05 35.51
C GLU B 266 2.97 9.20 35.90
N LEU B 267 2.63 10.05 34.93
CA LEU B 267 1.84 11.24 35.19
C LEU B 267 0.47 11.20 34.53
N MET B 268 0.42 11.03 33.21
CA MET B 268 -0.83 11.19 32.47
C MET B 268 -0.93 10.12 31.39
N THR B 269 -2.15 9.66 31.13
CA THR B 269 -2.42 8.64 30.14
C THR B 269 -3.39 9.17 29.08
N TYR B 270 -3.08 8.89 27.82
CA TYR B 270 -3.94 9.24 26.68
C TYR B 270 -4.47 7.94 26.09
N SER B 271 -5.77 7.71 26.26
CA SER B 271 -6.37 6.45 25.81
C SER B 271 -7.85 6.65 25.55
N HIS B 272 -8.44 5.68 24.85
CA HIS B 272 -9.87 5.67 24.56
C HIS B 272 -10.28 4.23 24.25
N ASP B 273 -11.58 3.97 24.32
CA ASP B 273 -12.10 2.62 24.11
C ASP B 273 -12.11 2.22 22.65
N ASN B 274 -12.37 3.16 21.73
CA ASN B 274 -12.47 2.83 20.32
C ASN B 274 -11.12 2.43 19.74
N ILE B 275 -10.04 3.04 20.23
CA ILE B 275 -8.71 2.81 19.68
C ILE B 275 -8.16 1.50 20.23
N ILE B 276 -7.82 0.58 19.34
CA ILE B 276 -7.32 -0.75 19.70
C ILE B 276 -5.82 -0.88 19.42
N CYS B 277 -5.39 -0.48 18.23
CA CYS B 277 -3.98 -0.50 17.90
C CYS B 277 -3.25 0.60 18.67
N GLY B 278 -1.93 0.43 18.81
CA GLY B 278 -1.13 1.29 19.65
C GLY B 278 -0.48 2.46 18.92
N ILE B 279 0.24 3.25 19.69
CA ILE B 279 0.99 4.38 19.16
C ILE B 279 2.29 3.86 18.54
N THR B 280 2.72 4.48 17.45
CA THR B 280 3.98 4.10 16.81
C THR B 280 4.95 5.25 16.59
N SER B 281 4.54 6.50 16.76
CA SER B 281 5.43 7.65 16.61
C SER B 281 4.95 8.78 17.49
N VAL B 282 5.87 9.43 18.18
CA VAL B 282 5.55 10.55 19.06
C VAL B 282 6.50 11.70 18.75
N SER B 283 5.96 12.92 18.77
CA SER B 283 6.76 14.12 18.59
C SER B 283 6.09 15.28 19.30
N PHE B 284 6.87 16.30 19.60
CA PHE B 284 6.38 17.48 20.30
C PHE B 284 6.55 18.70 19.41
N SER B 285 5.67 19.68 19.61
CA SER B 285 5.77 20.94 18.89
C SER B 285 6.83 21.83 19.53
N LYS B 286 7.01 23.03 18.95
CA LYS B 286 7.97 23.97 19.50
C LYS B 286 7.59 24.39 20.91
N SER B 287 6.31 24.73 21.11
CA SER B 287 5.86 25.18 22.43
C SER B 287 5.73 24.02 23.41
N GLY B 288 5.42 22.83 22.91
CA GLY B 288 5.15 21.69 23.76
C GLY B 288 3.69 21.49 24.10
N ARG B 289 2.81 22.42 23.70
CA ARG B 289 1.38 22.25 23.97
C ARG B 289 0.80 21.11 23.15
N LEU B 290 1.24 20.95 21.91
CA LEU B 290 0.73 19.90 21.03
C LEU B 290 1.51 18.63 21.24
N LEU B 291 0.83 17.49 21.15
CA LEU B 291 1.41 16.17 21.29
C LEU B 291 0.91 15.32 20.12
N LEU B 292 1.77 15.14 19.11
CA LEU B 292 1.38 14.45 17.89
C LEU B 292 1.79 12.99 17.95
N ALA B 293 0.94 12.12 17.39
CA ALA B 293 1.17 10.68 17.47
C ALA B 293 0.60 9.99 16.25
N GLY B 294 1.29 8.95 15.79
CA GLY B 294 0.82 8.12 14.70
C GLY B 294 0.19 6.84 15.21
N TYR B 295 -0.75 6.31 14.43
CA TYR B 295 -1.49 5.11 14.80
C TYR B 295 -1.53 4.15 13.62
N ASP B 296 -2.04 2.96 13.88
CA ASP B 296 -2.27 1.97 12.82
C ASP B 296 -3.65 2.09 12.22
N ASP B 297 -4.48 3.01 12.70
CA ASP B 297 -5.74 3.36 12.06
C ASP B 297 -5.55 4.27 10.86
N PHE B 298 -4.32 4.39 10.37
CA PHE B 298 -3.93 5.22 9.22
C PHE B 298 -4.07 6.71 9.51
N ASN B 299 -4.29 7.09 10.77
CA ASN B 299 -4.53 8.47 11.14
C ASN B 299 -3.40 8.98 12.04
N CYS B 300 -3.47 10.26 12.34
CA CYS B 300 -2.49 10.93 13.20
C CYS B 300 -3.25 11.85 14.14
N ASN B 301 -3.33 11.48 15.41
CA ASN B 301 -4.16 12.22 16.37
C ASN B 301 -3.34 13.32 17.03
N VAL B 302 -3.94 14.49 17.17
CA VAL B 302 -3.29 15.63 17.80
C VAL B 302 -3.84 15.70 19.22
N TRP B 303 -3.15 15.04 20.14
CA TRP B 303 -3.45 15.20 21.55
C TRP B 303 -2.91 16.52 22.07
N ASP B 304 -3.68 17.15 22.94
CA ASP B 304 -3.16 18.20 23.79
C ASP B 304 -2.36 17.53 24.91
N ALA B 305 -1.10 17.94 25.07
CA ALA B 305 -0.20 17.25 25.98
C ALA B 305 -0.67 17.30 27.43
N LEU B 306 -1.57 18.22 27.76
CA LEU B 306 -2.00 18.43 29.14
C LEU B 306 -3.47 18.18 29.37
N LYS B 307 -4.23 17.76 28.34
CA LYS B 307 -5.66 17.58 28.47
C LYS B 307 -6.14 16.16 28.19
N ALA B 308 -5.32 15.31 27.58
CA ALA B 308 -5.68 13.92 27.27
C ALA B 308 -6.95 13.85 26.40
N ASP B 309 -7.00 14.71 25.39
CA ASP B 309 -8.13 14.77 24.48
C ASP B 309 -7.64 14.69 23.04
N ARG B 310 -8.51 14.20 22.16
CA ARG B 310 -8.19 14.10 20.73
C ARG B 310 -8.66 15.37 20.05
N ALA B 311 -7.84 16.42 20.16
CA ALA B 311 -8.12 17.71 19.54
C ALA B 311 -7.37 17.85 18.22
N GLY B 312 -7.73 17.00 17.26
CA GLY B 312 -7.13 17.05 15.95
C GLY B 312 -6.83 15.69 15.36
N VAL B 313 -7.16 15.50 14.08
CA VAL B 313 -6.91 14.26 13.37
C VAL B 313 -6.31 14.62 12.01
N LEU B 314 -5.14 14.05 11.72
CA LEU B 314 -4.46 14.32 10.45
C LEU B 314 -4.76 13.20 9.46
N ALA B 315 -6.00 13.19 8.97
CA ALA B 315 -6.38 12.24 7.94
C ALA B 315 -5.73 12.61 6.61
N GLY B 316 -5.56 11.60 5.76
CA GLY B 316 -4.92 11.81 4.48
C GLY B 316 -4.03 10.66 4.06
N HIS B 317 -3.53 9.92 5.04
CA HIS B 317 -2.75 8.72 4.76
C HIS B 317 -3.66 7.50 4.74
N ASP B 318 -3.49 6.65 3.72
CA ASP B 318 -4.30 5.46 3.59
C ASP B 318 -3.58 4.21 4.10
N ASN B 319 -2.45 4.36 4.76
CA ASN B 319 -1.77 3.26 5.41
C ASN B 319 -1.24 3.73 6.76
N ARG B 320 -0.58 2.84 7.48
CA ARG B 320 -0.09 3.15 8.82
C ARG B 320 0.88 4.32 8.78
N VAL B 321 0.68 5.28 9.66
CA VAL B 321 1.56 6.44 9.78
C VAL B 321 2.71 6.07 10.70
N SER B 322 3.94 6.10 10.17
CA SER B 322 5.11 5.69 10.92
C SER B 322 5.98 6.86 11.37
N CYS B 323 6.10 7.90 10.54
CA CYS B 323 7.03 8.99 10.79
C CYS B 323 6.32 10.17 11.43
N LEU B 324 7.12 11.04 12.03
CA LEU B 324 6.61 12.25 12.66
C LEU B 324 7.80 13.14 13.02
N GLY B 325 7.67 14.43 12.75
CA GLY B 325 8.74 15.36 13.05
C GLY B 325 8.30 16.79 12.84
N VAL B 326 8.99 17.69 13.52
CA VAL B 326 8.73 19.12 13.46
C VAL B 326 10.02 19.83 13.11
N THR B 327 9.89 21.03 12.57
CA THR B 327 11.04 21.81 12.14
C THR B 327 11.71 22.50 13.32
N ASP B 328 12.93 23.00 13.08
CA ASP B 328 13.61 23.78 14.11
C ASP B 328 12.87 25.07 14.43
N ASP B 329 12.34 25.74 13.40
CA ASP B 329 11.51 26.92 13.62
C ASP B 329 10.04 26.58 13.86
N GLY B 330 9.67 25.30 13.79
CA GLY B 330 8.30 24.91 14.10
C GLY B 330 7.28 25.21 13.03
N MET B 331 7.73 25.41 11.78
CA MET B 331 6.84 25.88 10.73
C MET B 331 6.21 24.76 9.91
N ALA B 332 6.49 23.50 10.22
CA ALA B 332 5.95 22.43 9.40
C ALA B 332 6.02 21.11 10.16
N VAL B 333 5.10 20.20 9.81
CA VAL B 333 5.12 18.82 10.27
C VAL B 333 5.27 17.94 9.04
N ALA B 334 6.26 17.05 9.07
CA ALA B 334 6.41 16.06 8.03
C ALA B 334 5.90 14.73 8.55
N THR B 335 5.07 14.06 7.77
CA THR B 335 4.41 12.83 8.19
C THR B 335 4.65 11.76 7.14
N GLY B 336 5.76 11.03 7.28
CA GLY B 336 5.97 9.86 6.46
C GLY B 336 5.09 8.72 6.95
N SER B 337 4.60 7.94 5.99
CA SER B 337 3.67 6.86 6.30
C SER B 337 3.94 5.69 5.37
N TRP B 338 3.28 4.57 5.68
CA TRP B 338 3.39 3.34 4.91
C TRP B 338 2.75 3.44 3.54
N ASP B 339 2.26 4.61 3.15
CA ASP B 339 1.73 4.86 1.82
C ASP B 339 2.80 5.38 0.86
N SER B 340 4.06 5.41 1.27
CA SER B 340 5.19 5.83 0.44
C SER B 340 5.10 7.29 0.04
N PHE B 341 4.49 8.13 0.88
CA PHE B 341 4.36 9.55 0.60
C PHE B 341 4.78 10.35 1.82
N LEU B 342 5.31 11.54 1.57
CA LEU B 342 5.66 12.49 2.62
C LEU B 342 4.85 13.75 2.42
N LYS B 343 4.19 14.20 3.48
CA LYS B 343 3.32 15.35 3.42
C LYS B 343 3.78 16.40 4.42
N ILE B 344 3.69 17.67 4.01
CA ILE B 344 4.07 18.79 4.86
C ILE B 344 2.79 19.52 5.25
N TRP B 345 2.47 19.51 6.53
CA TRP B 345 1.24 20.07 7.06
C TRP B 345 1.55 21.39 7.73
N ASN B 346 0.78 22.43 7.41
CA ASN B 346 1.02 23.76 7.93
C ASN B 346 -0.29 24.48 8.23
N ALA C 7 25.81 -17.85 38.52
CA ALA C 7 25.31 -16.84 37.60
C ALA C 7 24.02 -16.22 38.12
N SER C 8 23.11 -17.04 38.64
CA SER C 8 21.89 -16.50 39.23
C SER C 8 22.21 -15.65 40.46
N ILE C 9 23.19 -16.08 41.25
CA ILE C 9 23.60 -15.29 42.41
C ILE C 9 24.15 -13.94 41.97
N ALA C 10 24.97 -13.93 40.91
CA ALA C 10 25.54 -12.68 40.41
C ALA C 10 24.45 -11.76 39.86
N GLN C 11 23.48 -12.32 39.15
CA GLN C 11 22.39 -11.49 38.62
C GLN C 11 21.53 -10.94 39.74
N ALA C 12 21.33 -11.73 40.81
CA ALA C 12 20.61 -11.21 41.97
C ALA C 12 21.39 -10.08 42.62
N ARG C 13 22.71 -10.22 42.72
CA ARG C 13 23.52 -9.17 43.31
C ARG C 13 23.47 -7.89 42.48
N LYS C 14 23.53 -8.02 41.15
CA LYS C 14 23.43 -6.83 40.31
C LYS C 14 22.05 -6.19 40.41
N LEU C 15 21.00 -7.02 40.50
CA LEU C 15 19.66 -6.46 40.65
C LEU C 15 19.54 -5.69 41.96
N VAL C 16 20.04 -6.26 43.05
CA VAL C 16 19.90 -5.58 44.34
C VAL C 16 20.76 -4.32 44.38
N GLU C 17 21.95 -4.31 43.77
CA GLU C 17 22.77 -3.10 43.83
C GLU C 17 22.16 -2.00 42.96
N GLN C 18 21.61 -2.36 41.80
CA GLN C 18 20.88 -1.37 41.01
C GLN C 18 19.70 -0.82 41.77
N LEU C 19 18.95 -1.68 42.47
CA LEU C 19 17.84 -1.21 43.27
C LEU C 19 18.32 -0.29 44.39
N LYS C 20 19.49 -0.57 44.96
CA LYS C 20 20.03 0.27 46.02
C LYS C 20 20.39 1.66 45.51
N MET C 21 21.09 1.72 44.37
CA MET C 21 21.40 3.03 43.79
C MET C 21 20.14 3.79 43.39
N GLU C 22 19.15 3.09 42.82
CA GLU C 22 17.88 3.74 42.51
C GLU C 22 17.05 4.05 43.74
N ALA C 23 17.42 3.52 44.90
CA ALA C 23 16.62 3.70 46.10
C ALA C 23 16.76 5.11 46.67
N ASN C 24 17.98 5.63 46.72
CA ASN C 24 18.28 6.85 47.45
C ASN C 24 18.23 8.11 46.61
N ILE C 25 17.83 8.01 45.33
CA ILE C 25 17.82 9.18 44.46
C ILE C 25 16.87 10.22 45.02
N ASP C 26 17.35 11.46 45.12
CA ASP C 26 16.56 12.56 45.68
C ASP C 26 15.29 12.78 44.85
N ARG C 27 14.14 12.51 45.45
CA ARG C 27 12.86 12.52 44.75
C ARG C 27 12.04 13.72 45.24
N ILE C 28 11.62 14.58 44.32
CA ILE C 28 10.78 15.72 44.65
C ILE C 28 9.37 15.45 44.11
N LYS C 29 8.43 16.29 44.53
CA LYS C 29 7.01 16.06 44.28
C LYS C 29 6.68 16.10 42.79
N VAL C 30 5.64 15.34 42.40
CA VAL C 30 5.21 15.27 41.01
C VAL C 30 4.53 16.56 40.58
N SER C 31 3.81 17.21 41.49
CA SER C 31 3.06 18.41 41.14
C SER C 31 3.98 19.51 40.62
N LYS C 32 5.16 19.65 41.21
CA LYS C 32 6.12 20.63 40.72
C LYS C 32 6.52 20.35 39.27
N ALA C 33 6.75 19.08 38.95
CA ALA C 33 7.14 18.72 37.58
C ALA C 33 6.00 19.00 36.60
N ALA C 34 4.77 18.68 36.98
CA ALA C 34 3.63 19.00 36.12
C ALA C 34 3.51 20.50 35.91
N ALA C 35 3.73 21.29 36.97
CA ALA C 35 3.67 22.74 36.84
C ALA C 35 4.78 23.25 35.93
N ASP C 36 5.96 22.68 36.03
CA ASP C 36 7.07 23.07 35.15
C ASP C 36 6.72 22.80 33.69
N LEU C 37 6.16 21.62 33.42
CA LEU C 37 5.76 21.28 32.06
C LEU C 37 4.70 22.25 31.54
N MET C 38 3.71 22.57 32.38
CA MET C 38 2.67 23.52 31.98
C MET C 38 3.26 24.90 31.68
N ALA C 39 4.16 25.37 32.54
CA ALA C 39 4.76 26.68 32.34
C ALA C 39 5.56 26.73 31.05
N TYR C 40 6.33 25.68 30.75
CA TYR C 40 7.10 25.71 29.52
C TYR C 40 6.21 25.56 28.29
N CYS C 41 5.11 24.83 28.40
CA CYS C 41 4.15 24.79 27.29
C CYS C 41 3.57 26.17 27.05
N GLU C 42 3.29 26.91 28.12
CA GLU C 42 2.66 28.23 27.98
C GLU C 42 3.62 29.30 27.49
N ALA C 43 4.89 29.25 27.90
CA ALA C 43 5.81 30.35 27.66
C ALA C 43 6.12 30.56 26.18
N HIS C 44 6.00 29.54 25.35
CA HIS C 44 6.39 29.62 23.94
C HIS C 44 5.20 29.44 23.01
N ALA C 45 4.01 29.87 23.44
CA ALA C 45 2.81 29.63 22.66
C ALA C 45 2.77 30.50 21.41
N LYS C 46 3.19 31.77 21.53
CA LYS C 46 3.05 32.70 20.41
C LYS C 46 3.93 32.30 19.23
N GLU C 47 5.16 31.86 19.50
CA GLU C 47 6.12 31.54 18.46
C GLU C 47 5.90 30.17 17.82
N ASP C 48 4.74 29.55 18.01
CA ASP C 48 4.49 28.24 17.46
C ASP C 48 3.60 28.36 16.23
N PRO C 49 4.12 28.15 15.02
CA PRO C 49 3.26 28.18 13.84
C PRO C 49 2.18 27.11 13.80
N LEU C 50 2.44 25.93 14.37
CA LEU C 50 1.45 24.87 14.33
C LEU C 50 0.28 25.12 15.27
N LEU C 51 0.45 26.01 16.24
CA LEU C 51 -0.62 26.39 17.15
C LEU C 51 -1.22 27.74 16.83
N THR C 52 -0.46 28.63 16.19
CA THR C 52 -0.95 29.92 15.73
C THR C 52 -0.72 30.04 14.23
N PRO C 53 -1.76 30.29 13.43
CA PRO C 53 -1.59 30.28 11.97
C PRO C 53 -0.61 31.35 11.50
N VAL C 54 0.08 31.04 10.41
CA VAL C 54 1.11 31.89 9.83
C VAL C 54 0.58 32.47 8.53
N PRO C 55 0.74 33.77 8.27
CA PRO C 55 0.29 34.33 7.00
C PRO C 55 1.00 33.72 5.81
N ALA C 56 0.30 33.66 4.68
CA ALA C 56 0.87 33.06 3.47
C ALA C 56 2.10 33.82 3.00
N SER C 57 2.17 35.12 3.27
CA SER C 57 3.35 35.90 2.91
C SER C 57 4.59 35.41 3.66
N GLU C 58 4.44 35.11 4.95
CA GLU C 58 5.54 34.62 5.76
C GLU C 58 5.62 33.10 5.80
N ASN C 59 4.74 32.40 5.08
CA ASN C 59 4.76 30.95 5.06
C ASN C 59 5.49 30.47 3.82
N PRO C 60 6.67 29.87 3.95
CA PRO C 60 7.39 29.41 2.75
C PRO C 60 6.69 28.28 2.02
N PHE C 61 5.80 27.54 2.68
CA PHE C 61 5.12 26.42 2.07
C PHE C 61 3.79 26.81 1.41
N ARG C 62 3.42 28.08 1.45
CA ARG C 62 2.18 28.53 0.82
C ARG C 62 2.47 29.65 -0.18
N GLY D 8 -36.50 7.15 -55.80
CA GLY D 8 -37.37 6.43 -56.69
C GLY D 8 -37.94 5.16 -56.09
N CYS D 9 -37.87 5.05 -54.76
CA CYS D 9 -38.37 3.90 -54.03
C CYS D 9 -39.44 4.35 -53.04
N HIS D 10 -40.57 3.64 -53.02
CA HIS D 10 -41.63 3.94 -52.08
C HIS D 10 -41.35 3.27 -50.74
N VAL D 11 -41.74 3.95 -49.66
CA VAL D 11 -41.40 3.41 -48.33
C VAL D 11 -42.69 3.34 -47.52
N ASP D 12 -42.59 3.00 -46.22
CA ASP D 12 -43.80 2.86 -45.37
C ASP D 12 -43.46 2.86 -43.88
N SER D 13 -44.42 2.49 -43.00
CA SER D 13 -44.30 2.42 -41.51
C SER D 13 -44.95 3.64 -40.85
N ARG D 14 -45.73 3.43 -39.77
CA ARG D 14 -46.43 4.55 -39.07
C ARG D 14 -45.91 4.70 -37.64
N VAL D 15 -45.72 3.59 -36.93
CA VAL D 15 -45.10 3.58 -35.57
C VAL D 15 -43.78 4.33 -35.63
N ASP D 16 -43.00 4.14 -36.68
CA ASP D 16 -41.70 4.84 -36.86
C ASP D 16 -41.77 6.25 -36.32
N HIS D 17 -42.89 6.94 -36.52
CA HIS D 17 -43.05 8.30 -35.93
C HIS D 17 -42.52 8.28 -34.50
N LEU D 18 -42.73 7.16 -33.80
CA LEU D 18 -42.25 6.99 -32.40
C LEU D 18 -41.53 5.64 -32.22
N PHE D 19 -41.55 4.71 -33.20
CA PHE D 19 -40.96 3.34 -33.02
C PHE D 19 -39.46 3.46 -32.71
N PRO D 20 -38.48 3.44 -33.64
CA PRO D 20 -37.08 3.68 -33.21
C PRO D 20 -36.95 4.85 -32.26
N PRO D 21 -37.74 5.92 -32.41
CA PRO D 21 -37.69 6.99 -31.39
C PRO D 21 -37.96 6.50 -29.98
N SER D 22 -38.75 5.44 -29.81
CA SER D 22 -39.03 4.94 -28.46
C SER D 22 -37.75 4.50 -27.77
N LEU D 23 -37.07 3.50 -28.34
CA LEU D 23 -35.83 3.03 -27.74
C LEU D 23 -34.77 4.11 -27.71
N TYR D 24 -34.77 5.01 -28.70
CA TYR D 24 -33.77 6.08 -28.68
C TYR D 24 -33.97 7.01 -27.50
N ILE D 25 -35.22 7.38 -27.21
CA ILE D 25 -35.49 8.20 -26.03
C ILE D 25 -35.15 7.43 -24.77
N PHE D 26 -35.40 6.12 -24.77
CA PHE D 26 -35.07 5.31 -23.61
C PHE D 26 -33.57 5.36 -23.31
N VAL D 27 -32.74 5.12 -24.33
CA VAL D 27 -31.29 5.13 -24.11
C VAL D 27 -30.79 6.53 -23.79
N ILE D 28 -31.40 7.57 -24.37
CA ILE D 28 -31.06 8.94 -23.98
C ILE D 28 -31.31 9.13 -22.49
N GLY D 29 -32.46 8.68 -22.01
CA GLY D 29 -32.80 8.90 -20.61
C GLY D 29 -31.90 8.11 -19.66
N VAL D 30 -31.52 6.90 -20.04
CA VAL D 30 -30.85 6.02 -19.08
C VAL D 30 -29.33 6.13 -19.15
N GLY D 31 -28.73 6.12 -20.34
CA GLY D 31 -27.30 5.91 -20.43
C GLY D 31 -26.43 7.09 -20.02
N LEU D 32 -27.00 8.29 -19.86
CA LEU D 32 -26.17 9.46 -19.59
C LEU D 32 -25.55 9.45 -18.20
N PRO D 33 -26.32 9.42 -17.10
CA PRO D 33 -25.69 9.45 -15.78
C PRO D 33 -24.79 8.24 -15.53
N THR D 34 -25.16 7.08 -16.04
CA THR D 34 -24.31 5.91 -15.89
C THR D 34 -22.97 6.13 -16.58
N ASN D 35 -22.98 6.70 -17.78
CA ASN D 35 -21.72 6.94 -18.49
C ASN D 35 -20.87 7.99 -17.79
N CYS D 36 -21.48 9.04 -17.22
CA CYS D 36 -20.66 10.03 -16.53
C CYS D 36 -20.05 9.46 -15.25
N LEU D 37 -20.82 8.65 -14.50
CA LEU D 37 -20.24 8.05 -13.31
C LEU D 37 -19.16 7.03 -13.68
N ALA D 38 -19.33 6.33 -14.80
CA ALA D 38 -18.27 5.46 -15.30
C ALA D 38 -17.01 6.27 -15.63
N LEU D 39 -17.18 7.45 -16.22
CA LEU D 39 -16.04 8.32 -16.50
C LEU D 39 -15.34 8.71 -15.20
N TRP D 40 -16.12 9.05 -14.17
CA TRP D 40 -15.51 9.45 -12.90
C TRP D 40 -14.71 8.30 -12.29
N ALA D 41 -15.30 7.10 -12.28
CA ALA D 41 -14.60 5.93 -11.75
C ALA D 41 -13.34 5.64 -12.56
N ALA D 42 -13.41 5.81 -13.88
CA ALA D 42 -12.23 5.64 -14.71
C ALA D 42 -11.13 6.63 -14.34
N TYR D 43 -11.51 7.89 -14.09
CA TYR D 43 -10.50 8.87 -13.71
C TYR D 43 -9.84 8.51 -12.39
N ARG D 44 -10.62 8.06 -11.41
CA ARG D 44 -10.00 7.64 -10.15
C ARG D 44 -9.12 6.42 -10.34
N GLN D 45 -9.50 5.49 -11.22
CA GLN D 45 -8.60 4.38 -11.53
C GLN D 45 -7.31 4.88 -12.15
N VAL D 46 -7.39 5.93 -12.97
CA VAL D 46 -6.18 6.54 -13.51
C VAL D 46 -5.32 7.12 -12.39
N GLN D 47 -5.97 7.68 -11.37
CA GLN D 47 -5.23 8.31 -10.27
C GLN D 47 -4.28 7.34 -9.59
N GLN D 48 -4.64 6.06 -9.53
CA GLN D 48 -3.79 5.05 -8.89
C GLN D 48 -2.89 4.34 -9.89
N ARG D 49 -2.50 5.00 -10.98
CA ARG D 49 -1.59 4.46 -11.97
C ARG D 49 -2.08 3.13 -12.56
N ASN D 50 -3.38 3.05 -12.82
CA ASN D 50 -4.00 1.90 -13.47
C ASN D 50 -4.37 2.27 -14.89
N GLU D 51 -3.90 1.46 -15.85
CA GLU D 51 -4.07 1.78 -17.26
C GLU D 51 -5.50 1.53 -17.75
N LEU D 52 -6.32 0.80 -16.99
CA LEU D 52 -7.69 0.56 -17.40
C LEU D 52 -8.53 1.83 -17.35
N GLY D 53 -8.14 2.78 -16.51
CA GLY D 53 -8.94 3.98 -16.34
C GLY D 53 -8.99 4.84 -17.60
N VAL D 54 -7.88 4.92 -18.33
CA VAL D 54 -7.85 5.71 -19.56
C VAL D 54 -8.84 5.14 -20.57
N TYR D 55 -8.83 3.81 -20.73
CA TYR D 55 -9.73 3.15 -21.66
C TYR D 55 -11.19 3.35 -21.26
N LEU D 56 -11.49 3.18 -19.97
CA LEU D 56 -12.87 3.39 -19.52
C LEU D 56 -13.31 4.83 -19.72
N MET D 57 -12.41 5.79 -19.47
CA MET D 57 -12.75 7.20 -19.63
C MET D 57 -13.03 7.54 -21.09
N ASN D 58 -12.21 7.02 -22.01
CA ASN D 58 -12.47 7.26 -23.43
C ASN D 58 -13.77 6.61 -23.88
N LEU D 59 -14.06 5.41 -23.38
CA LEU D 59 -15.35 4.77 -23.66
C LEU D 59 -16.50 5.66 -23.23
N SER D 60 -16.41 6.19 -22.01
CA SER D 60 -17.47 7.06 -21.49
C SER D 60 -17.59 8.33 -22.33
N ILE D 61 -16.46 8.89 -22.77
CA ILE D 61 -16.50 10.11 -23.58
C ILE D 61 -17.22 9.87 -24.90
N ALA D 62 -16.89 8.76 -25.57
CA ALA D 62 -17.56 8.44 -26.83
C ALA D 62 -19.06 8.22 -26.60
N ASP D 63 -19.41 7.51 -25.53
CA ASP D 63 -20.82 7.29 -25.23
C ASP D 63 -21.54 8.62 -24.98
N LEU D 64 -20.90 9.53 -24.26
CA LEU D 64 -21.52 10.83 -23.99
C LEU D 64 -21.72 11.60 -25.29
N LEU D 65 -20.75 11.56 -26.19
CA LEU D 65 -20.90 12.26 -27.47
C LEU D 65 -22.08 11.71 -28.25
N TYR D 66 -22.20 10.37 -28.33
CA TYR D 66 -23.31 9.79 -29.07
C TYR D 66 -24.65 10.15 -28.44
N ILE D 67 -24.73 10.09 -27.11
CA ILE D 67 -25.99 10.40 -26.45
C ILE D 67 -26.36 11.87 -26.66
N CYS D 68 -25.36 12.75 -26.68
CA CYS D 68 -25.63 14.16 -26.93
C CYS D 68 -26.10 14.41 -28.36
N THR D 69 -25.57 13.67 -29.34
CA THR D 69 -25.92 13.90 -30.73
C THR D 69 -27.14 13.09 -31.19
N LEU D 70 -27.65 12.20 -30.35
CA LEU D 70 -28.83 11.42 -30.72
C LEU D 70 -30.11 12.24 -30.95
N PRO D 71 -30.45 13.25 -30.14
CA PRO D 71 -31.81 13.82 -30.23
C PRO D 71 -32.22 14.32 -31.61
N LEU D 72 -31.29 14.91 -32.37
CA LEU D 72 -31.65 15.37 -33.71
C LEU D 72 -32.06 14.21 -34.60
N TRP D 73 -31.35 13.09 -34.53
CA TRP D 73 -31.73 11.90 -35.28
C TRP D 73 -32.95 11.20 -34.71
N VAL D 74 -33.30 11.46 -33.45
CA VAL D 74 -34.63 11.10 -32.98
C VAL D 74 -35.67 11.92 -33.72
N ASP D 75 -35.44 13.23 -33.88
CA ASP D 75 -36.40 14.10 -34.64
C ASP D 75 -36.47 13.62 -36.09
N TYR D 76 -35.39 13.05 -36.58
CA TYR D 76 -35.36 12.67 -37.99
C TYR D 76 -36.66 12.01 -38.44
N PHE D 77 -37.19 11.11 -37.59
CA PHE D 77 -38.42 10.34 -37.94
C PHE D 77 -39.64 10.90 -37.22
N LEU D 78 -39.42 11.45 -36.05
CA LEU D 78 -40.61 11.91 -35.31
C LEU D 78 -41.41 12.77 -36.31
N HIS D 79 -40.76 13.32 -37.33
CA HIS D 79 -41.53 14.02 -38.41
C HIS D 79 -41.94 12.92 -39.39
N HIS D 80 -40.97 12.34 -40.12
CA HIS D 80 -41.28 11.18 -41.01
C HIS D 80 -40.03 10.89 -41.82
N ASP D 81 -38.93 10.58 -41.14
CA ASP D 81 -37.63 10.36 -41.83
C ASP D 81 -37.31 11.61 -42.66
N ASN D 82 -37.67 12.83 -42.21
CA ASN D 82 -37.46 14.00 -43.12
C ASN D 82 -36.95 15.29 -42.46
N TRP D 83 -36.04 15.26 -41.50
CA TRP D 83 -35.43 16.54 -41.05
C TRP D 83 -34.63 17.23 -42.14
N ILE D 84 -34.43 18.52 -42.02
CA ILE D 84 -33.79 19.37 -43.01
C ILE D 84 -33.41 20.69 -42.33
N HIS D 85 -32.17 20.80 -41.89
CA HIS D 85 -31.64 22.01 -41.26
C HIS D 85 -30.37 22.47 -41.94
N GLY D 86 -30.18 22.10 -43.21
CA GLY D 86 -29.00 22.49 -43.93
C GLY D 86 -28.07 21.33 -44.19
N PRO D 87 -27.16 21.49 -45.16
CA PRO D 87 -26.26 20.37 -45.49
C PRO D 87 -25.16 20.15 -44.48
N GLY D 88 -24.53 21.22 -43.97
CA GLY D 88 -23.37 21.04 -43.11
C GLY D 88 -23.69 20.40 -41.77
N SER D 89 -24.79 20.84 -41.14
CA SER D 89 -25.16 20.28 -39.84
C SER D 89 -25.46 18.79 -39.96
N CYS D 90 -26.24 18.40 -40.97
CA CYS D 90 -26.49 16.99 -41.22
C CYS D 90 -25.19 16.26 -41.51
N LYS D 91 -24.30 16.89 -42.28
CA LYS D 91 -23.05 16.25 -42.66
C LYS D 91 -22.21 15.90 -41.45
N LEU D 92 -22.10 16.82 -40.49
CA LEU D 92 -21.30 16.57 -39.30
C LEU D 92 -22.00 15.61 -38.34
N PHE D 93 -23.31 15.81 -38.14
CA PHE D 93 -23.99 15.06 -37.10
C PHE D 93 -24.24 13.62 -37.48
N GLY D 94 -24.55 13.34 -38.75
CA GLY D 94 -24.60 11.96 -39.18
C GLY D 94 -23.25 11.27 -39.04
N PHE D 95 -22.17 12.00 -39.34
CA PHE D 95 -20.83 11.45 -39.19
C PHE D 95 -20.57 11.01 -37.74
N ILE D 96 -20.85 11.90 -36.79
CA ILE D 96 -20.63 11.57 -35.39
C ILE D 96 -21.56 10.43 -34.96
N PHE D 97 -22.84 10.52 -35.36
CA PHE D 97 -23.86 9.55 -34.95
C PHE D 97 -23.61 8.17 -35.52
N TYR D 98 -22.87 8.05 -36.61
CA TYR D 98 -22.52 6.75 -37.15
C TYR D 98 -21.08 6.34 -36.85
N THR D 99 -20.28 7.20 -36.23
CA THR D 99 -18.91 6.85 -35.83
C THR D 99 -18.78 6.46 -34.36
N ASN D 100 -19.62 7.02 -33.49
CA ASN D 100 -19.45 6.81 -32.06
C ASN D 100 -19.62 5.35 -31.65
N ILE D 101 -20.50 4.60 -32.34
CA ILE D 101 -20.68 3.19 -32.04
C ILE D 101 -19.37 2.42 -32.20
N TYR D 102 -18.70 2.68 -33.31
CA TYR D 102 -17.47 1.96 -33.62
C TYR D 102 -16.34 2.39 -32.68
N ILE D 103 -16.32 3.68 -32.30
CA ILE D 103 -15.34 4.12 -31.32
C ILE D 103 -15.53 3.39 -30.00
N SER D 104 -16.78 3.32 -29.52
CA SER D 104 -17.06 2.66 -28.26
C SER D 104 -16.69 1.19 -28.29
N ILE D 105 -16.99 0.52 -29.40
CA ILE D 105 -16.70 -0.91 -29.49
C ILE D 105 -15.19 -1.15 -29.54
N ALA D 106 -14.44 -0.25 -30.22
CA ALA D 106 -12.99 -0.36 -30.21
C ALA D 106 -12.43 -0.22 -28.80
N PHE D 107 -13.00 0.69 -28.01
CA PHE D 107 -12.51 0.81 -26.64
C PHE D 107 -12.94 -0.35 -25.76
N LEU D 108 -14.07 -0.99 -26.07
CA LEU D 108 -14.42 -2.24 -25.39
C LEU D 108 -13.39 -3.33 -25.68
N CYS D 109 -12.95 -3.42 -26.94
CA CYS D 109 -11.88 -4.35 -27.28
C CYS D 109 -10.61 -4.04 -26.51
N CYS D 110 -10.25 -2.75 -26.41
CA CYS D 110 -9.07 -2.37 -25.64
C CYS D 110 -9.19 -2.81 -24.19
N ILE D 111 -10.36 -2.61 -23.59
CA ILE D 111 -10.56 -2.98 -22.19
C ILE D 111 -10.44 -4.49 -22.01
N SER D 112 -11.01 -5.26 -22.93
CA SER D 112 -10.90 -6.72 -22.82
C SER D 112 -9.44 -7.16 -22.90
N VAL D 113 -8.68 -6.59 -23.83
CA VAL D 113 -7.27 -6.99 -23.96
C VAL D 113 -6.50 -6.63 -22.70
N ASP D 114 -6.75 -5.43 -22.16
CA ASP D 114 -6.05 -5.01 -20.94
C ASP D 114 -6.39 -5.92 -19.76
N ARG D 115 -7.67 -6.30 -19.63
CA ARG D 115 -8.06 -7.23 -18.57
C ARG D 115 -7.38 -8.57 -18.73
N TYR D 116 -7.30 -9.07 -19.97
CA TYR D 116 -6.68 -10.36 -20.19
C TYR D 116 -5.20 -10.33 -19.84
N LEU D 117 -4.53 -9.22 -20.14
CA LEU D 117 -3.08 -9.16 -19.94
C LEU D 117 -2.69 -9.38 -18.48
N ALA D 118 -3.43 -8.79 -17.54
CA ALA D 118 -3.07 -8.88 -16.14
C ALA D 118 -3.35 -10.28 -15.58
N VAL D 119 -4.54 -10.82 -15.85
CA VAL D 119 -4.94 -12.07 -15.22
C VAL D 119 -4.15 -13.24 -15.80
N ALA D 120 -3.99 -13.28 -17.12
CA ALA D 120 -3.25 -14.38 -17.73
C ALA D 120 -1.78 -14.36 -17.35
N HIS D 121 -1.15 -13.19 -17.40
CA HIS D 121 0.30 -13.03 -17.23
C HIS D 121 0.55 -11.99 -16.15
N PRO D 122 0.46 -12.38 -14.88
CA PRO D 122 0.56 -11.38 -13.80
C PRO D 122 1.92 -10.72 -13.67
N LEU D 123 2.99 -11.31 -14.21
CA LEU D 123 4.33 -10.79 -13.99
C LEU D 123 5.07 -10.53 -15.30
N ARG D 124 4.42 -9.85 -16.24
CA ARG D 124 5.03 -9.61 -17.55
C ARG D 124 4.39 -8.36 -18.17
N PHE D 125 5.01 -7.89 -19.24
CA PHE D 125 4.54 -6.73 -20.00
C PHE D 125 4.40 -5.49 -19.11
N ALA D 126 5.51 -5.15 -18.46
CA ALA D 126 5.51 -4.00 -17.56
C ALA D 126 5.32 -2.69 -18.32
N ARG D 127 5.95 -2.57 -19.50
CA ARG D 127 5.86 -1.32 -20.26
C ARG D 127 4.46 -1.07 -20.78
N LEU D 128 3.79 -2.11 -21.28
CA LEU D 128 2.45 -1.93 -21.83
C LEU D 128 1.42 -1.60 -20.75
N ARG D 129 1.72 -1.87 -19.49
CA ARG D 129 0.82 -1.55 -18.39
C ARG D 129 1.23 -0.23 -17.74
N ARG D 130 1.24 0.82 -18.56
CA ARG D 130 1.62 2.15 -18.10
C ARG D 130 0.63 3.18 -18.66
N VAL D 131 0.51 4.31 -17.95
CA VAL D 131 -0.45 5.33 -18.34
C VAL D 131 -0.03 6.00 -19.64
N LYS D 132 1.28 6.19 -19.85
CA LYS D 132 1.74 6.83 -21.08
C LYS D 132 1.39 6.00 -22.31
N THR D 133 1.58 4.68 -22.22
CA THR D 133 1.17 3.82 -23.33
C THR D 133 -0.34 3.86 -23.53
N ALA D 134 -1.10 3.98 -22.44
CA ALA D 134 -2.55 4.08 -22.55
C ALA D 134 -2.95 5.33 -23.32
N VAL D 135 -2.36 6.47 -22.96
CA VAL D 135 -2.72 7.72 -23.63
C VAL D 135 -2.12 7.83 -25.03
N ALA D 136 -1.14 7.01 -25.35
CA ALA D 136 -0.69 6.93 -26.74
C ALA D 136 -1.63 6.07 -27.58
N VAL D 137 -2.01 4.90 -27.06
CA VAL D 137 -2.88 3.99 -27.82
C VAL D 137 -4.26 4.59 -28.00
N SER D 138 -4.77 5.29 -26.98
CA SER D 138 -6.08 5.93 -27.12
C SER D 138 -6.06 6.99 -28.21
N SER D 139 -5.01 7.81 -28.26
CA SER D 139 -4.90 8.82 -29.30
C SER D 139 -4.80 8.19 -30.68
N VAL D 140 -4.02 7.12 -30.80
CA VAL D 140 -3.92 6.41 -32.08
C VAL D 140 -5.29 5.90 -32.50
N VAL D 141 -6.04 5.35 -31.54
CA VAL D 141 -7.37 4.80 -31.86
C VAL D 141 -8.29 5.91 -32.36
N TRP D 142 -8.31 7.05 -31.67
CA TRP D 142 -9.16 8.16 -32.12
C TRP D 142 -8.77 8.60 -33.53
N ALA D 143 -7.47 8.77 -33.77
CA ALA D 143 -7.01 9.24 -35.08
C ALA D 143 -7.42 8.27 -36.18
N THR D 144 -7.17 6.98 -35.96
CA THR D 144 -7.52 5.99 -36.98
C THR D 144 -9.04 5.92 -37.21
N GLU D 145 -9.83 6.03 -36.14
CA GLU D 145 -11.28 5.97 -36.30
C GLU D 145 -11.78 7.13 -37.17
N LEU D 146 -11.39 8.35 -36.81
CA LEU D 146 -11.85 9.50 -37.61
C LEU D 146 -11.33 9.41 -39.05
N GLY D 147 -10.07 9.01 -39.23
CA GLY D 147 -9.54 8.89 -40.57
C GLY D 147 -10.26 7.86 -41.42
N ALA D 148 -10.59 6.71 -40.82
CA ALA D 148 -11.25 5.65 -41.57
C ALA D 148 -12.72 5.96 -41.84
N ASN D 149 -13.38 6.73 -40.97
CA ASN D 149 -14.76 7.12 -41.22
C ASN D 149 -14.89 8.42 -41.99
N SER D 150 -13.77 9.09 -42.30
CA SER D 150 -13.78 10.38 -42.97
C SER D 150 -14.31 10.34 -44.41
N ALA D 151 -14.48 9.16 -45.01
CA ALA D 151 -14.89 9.12 -46.42
C ALA D 151 -16.20 9.83 -46.70
N PRO D 152 -17.29 9.74 -45.88
CA PRO D 152 -18.48 10.53 -46.15
C PRO D 152 -18.30 12.04 -46.23
N LEU D 153 -17.17 12.59 -45.76
CA LEU D 153 -17.03 14.04 -45.73
C LEU D 153 -16.98 14.67 -47.11
N PHE D 154 -16.46 13.96 -48.11
CA PHE D 154 -16.26 14.55 -49.43
C PHE D 154 -17.54 14.67 -50.24
N HIS D 155 -18.61 13.99 -49.85
CA HIS D 155 -19.86 13.99 -50.59
C HIS D 155 -20.89 14.83 -49.85
N ASP D 156 -21.81 15.43 -50.61
CA ASP D 156 -22.95 16.10 -50.01
C ASP D 156 -23.82 15.08 -49.29
N GLU D 157 -24.52 15.53 -48.25
CA GLU D 157 -25.29 14.63 -47.41
C GLU D 157 -26.72 15.14 -47.22
N LEU D 158 -27.36 15.52 -48.32
CA LEU D 158 -28.76 15.89 -48.31
C LEU D 158 -29.45 15.30 -49.54
N PHE D 159 -29.32 13.98 -49.71
CA PHE D 159 -29.98 13.31 -50.87
C PHE D 159 -31.37 12.81 -50.45
N ARG D 160 -32.24 12.51 -51.42
CA ARG D 160 -33.64 12.10 -51.09
C ARG D 160 -34.32 11.51 -52.33
N ASP D 161 -35.52 10.93 -52.14
CA ASP D 161 -36.30 10.43 -53.31
C ASP D 161 -37.50 11.35 -53.52
N ARG D 162 -38.12 11.34 -54.70
CA ARG D 162 -39.22 12.28 -54.91
C ARG D 162 -40.56 11.63 -54.60
N TYR D 163 -40.96 11.57 -53.32
CA TYR D 163 -42.26 10.98 -52.91
C TYR D 163 -42.64 11.48 -51.51
N ASN D 164 -42.69 12.79 -51.30
CA ASN D 164 -42.92 13.34 -49.94
C ASN D 164 -41.84 12.80 -48.99
N HIS D 165 -40.57 13.20 -49.18
CA HIS D 165 -39.48 12.76 -48.26
C HIS D 165 -38.17 13.50 -48.51
N THR D 166 -37.63 14.26 -47.56
CA THR D 166 -36.28 14.88 -47.75
C THR D 166 -35.31 14.31 -46.71
N PHE D 167 -34.50 13.31 -47.08
CA PHE D 167 -33.72 12.59 -46.09
C PHE D 167 -32.53 13.42 -45.60
N CYS D 168 -31.71 12.81 -44.75
CA CYS D 168 -30.48 13.43 -44.25
C CYS D 168 -29.51 12.32 -43.88
N PHE D 169 -28.39 12.24 -44.60
CA PHE D 169 -27.35 11.25 -44.38
C PHE D 169 -27.84 9.82 -44.59
N GLU D 170 -28.99 9.63 -45.23
CA GLU D 170 -29.56 8.30 -45.39
C GLU D 170 -30.50 8.29 -46.59
N LYS D 171 -30.03 7.75 -47.72
CA LYS D 171 -30.84 7.60 -48.92
C LYS D 171 -31.20 6.13 -49.07
N PHE D 172 -32.50 5.82 -49.01
CA PHE D 172 -32.92 4.43 -49.16
C PHE D 172 -32.64 3.89 -50.55
N PRO D 173 -32.97 4.58 -51.65
CA PRO D 173 -32.37 4.20 -52.94
C PRO D 173 -30.92 4.63 -52.95
N MET D 174 -30.09 3.91 -52.20
CA MET D 174 -28.77 4.37 -51.84
C MET D 174 -27.85 4.43 -53.06
N GLU D 175 -26.75 5.18 -52.89
CA GLU D 175 -25.73 5.28 -53.93
C GLU D 175 -24.85 4.04 -53.90
N GLY D 176 -23.72 4.10 -54.61
CA GLY D 176 -22.83 2.96 -54.66
C GLY D 176 -21.83 2.92 -53.53
N TRP D 177 -21.21 4.06 -53.23
CA TRP D 177 -20.16 4.09 -52.21
C TRP D 177 -20.71 3.77 -50.83
N VAL D 178 -21.94 4.21 -50.56
CA VAL D 178 -22.54 3.99 -49.23
C VAL D 178 -22.73 2.51 -48.96
N ALA D 179 -23.00 1.71 -50.00
CA ALA D 179 -23.15 0.28 -49.80
C ALA D 179 -21.85 -0.36 -49.33
N TRP D 180 -20.74 -0.02 -49.99
CA TRP D 180 -19.46 -0.61 -49.61
C TRP D 180 -19.00 -0.09 -48.25
N MET D 181 -19.28 1.18 -47.93
CA MET D 181 -19.01 1.62 -46.57
C MET D 181 -19.87 0.89 -45.56
N ASN D 182 -21.11 0.54 -45.92
CA ASN D 182 -21.95 -0.25 -45.02
C ASN D 182 -21.31 -1.63 -44.76
N LEU D 183 -20.84 -2.28 -45.83
CA LEU D 183 -20.21 -3.59 -45.65
C LEU D 183 -18.96 -3.50 -44.80
N TYR D 184 -18.12 -2.49 -45.05
CA TYR D 184 -16.95 -2.29 -44.20
C TYR D 184 -17.37 -2.02 -42.76
N ARG D 185 -18.37 -1.17 -42.55
CA ARG D 185 -18.81 -0.82 -41.21
C ARG D 185 -19.28 -2.04 -40.45
N VAL D 186 -20.02 -2.93 -41.10
CA VAL D 186 -20.40 -4.18 -40.45
C VAL D 186 -19.16 -5.00 -40.13
N PHE D 187 -18.45 -5.46 -41.17
CA PHE D 187 -17.46 -6.52 -40.99
C PHE D 187 -16.26 -6.05 -40.16
N VAL D 188 -15.67 -4.91 -40.52
CA VAL D 188 -14.58 -4.32 -39.75
C VAL D 188 -15.19 -3.15 -38.99
N GLY D 189 -15.54 -3.39 -37.73
CA GLY D 189 -16.25 -2.38 -36.98
C GLY D 189 -17.32 -2.94 -36.07
N PHE D 190 -17.82 -4.15 -36.36
CA PHE D 190 -18.72 -4.83 -35.43
C PHE D 190 -18.17 -6.16 -34.96
N LEU D 191 -17.77 -7.03 -35.87
CA LEU D 191 -17.48 -8.42 -35.52
C LEU D 191 -16.08 -8.56 -34.93
N PHE D 192 -15.07 -8.02 -35.60
CA PHE D 192 -13.69 -8.26 -35.18
C PHE D 192 -13.40 -7.79 -33.75
N PRO D 193 -13.73 -6.55 -33.35
CA PRO D 193 -13.56 -6.21 -31.93
C PRO D 193 -14.40 -7.07 -31.01
N TRP D 194 -15.60 -7.45 -31.42
CA TRP D 194 -16.45 -8.29 -30.58
C TRP D 194 -15.87 -9.69 -30.45
N ALA D 195 -15.31 -10.22 -31.54
CA ALA D 195 -14.65 -11.53 -31.47
C ALA D 195 -13.49 -11.50 -30.49
N LEU D 196 -12.65 -10.46 -30.57
CA LEU D 196 -11.56 -10.38 -29.60
C LEU D 196 -12.07 -10.18 -28.18
N MET D 197 -13.17 -9.45 -28.02
CA MET D 197 -13.74 -9.23 -26.69
C MET D 197 -14.22 -10.53 -26.07
N LEU D 198 -14.80 -11.42 -26.87
CA LEU D 198 -15.20 -12.72 -26.35
C LEU D 198 -13.99 -13.62 -26.08
N LEU D 199 -12.98 -13.57 -26.95
CA LEU D 199 -11.79 -14.37 -26.72
C LEU D 199 -11.10 -14.01 -25.41
N SER D 200 -11.02 -12.71 -25.11
CA SER D 200 -10.31 -12.27 -23.92
C SER D 200 -10.96 -12.85 -22.67
N TYR D 201 -12.28 -12.84 -22.60
CA TYR D 201 -12.94 -13.38 -21.42
C TYR D 201 -12.93 -14.90 -21.41
N ARG D 202 -12.85 -15.55 -22.57
CA ARG D 202 -12.64 -16.99 -22.57
C ARG D 202 -11.30 -17.32 -21.89
N GLY D 203 -10.26 -16.57 -22.24
CA GLY D 203 -8.96 -16.79 -21.62
C GLY D 203 -8.95 -16.44 -20.14
N ILE D 204 -9.65 -15.37 -19.77
CA ILE D 204 -9.78 -15.01 -18.36
C ILE D 204 -10.45 -16.14 -17.57
N LEU D 205 -11.53 -16.71 -18.11
CA LEU D 205 -12.20 -17.80 -17.43
C LEU D 205 -11.31 -19.03 -17.32
N ARG D 206 -10.57 -19.34 -18.40
CA ARG D 206 -9.66 -20.47 -18.35
C ARG D 206 -8.63 -20.29 -17.23
N ALA D 207 -8.08 -19.08 -17.10
CA ALA D 207 -7.14 -18.82 -16.02
C ALA D 207 -7.80 -18.90 -14.66
N VAL D 208 -9.03 -18.36 -14.54
CA VAL D 208 -9.65 -18.23 -13.22
C VAL D 208 -10.07 -19.58 -12.67
N ARG D 209 -10.62 -20.46 -13.51
CA ARG D 209 -11.07 -21.77 -13.01
C ARG D 209 -9.93 -22.62 -12.49
N GLY D 210 -8.70 -22.37 -12.93
CA GLY D 210 -7.55 -23.15 -12.49
C GLY D 210 -6.83 -22.54 -11.30
N SER D 211 -7.52 -21.64 -10.58
CA SER D 211 -6.92 -20.99 -9.41
C SER D 211 -7.06 -21.89 -8.19
N VAL D 212 -5.93 -22.12 -7.51
CA VAL D 212 -5.93 -22.97 -6.33
C VAL D 212 -6.44 -22.25 -5.08
N SER D 213 -6.41 -20.92 -5.07
CA SER D 213 -6.84 -20.13 -3.93
C SER D 213 -8.22 -19.52 -4.12
N THR D 214 -8.98 -19.97 -5.13
CA THR D 214 -10.31 -19.46 -5.40
C THR D 214 -11.27 -20.63 -5.47
N GLU D 215 -12.30 -20.60 -4.62
CA GLU D 215 -13.30 -21.66 -4.61
C GLU D 215 -14.27 -21.49 -5.78
N ARG D 216 -15.25 -22.39 -5.87
CA ARG D 216 -16.18 -22.38 -6.99
C ARG D 216 -17.20 -21.25 -6.90
N GLN D 217 -17.39 -20.66 -5.72
CA GLN D 217 -18.35 -19.56 -5.59
C GLN D 217 -17.88 -18.32 -6.35
N GLU D 218 -16.63 -17.89 -6.10
CA GLU D 218 -16.08 -16.76 -6.83
C GLU D 218 -15.98 -17.07 -8.32
N LYS D 219 -15.64 -18.33 -8.66
CA LYS D 219 -15.61 -18.72 -10.06
C LYS D 219 -16.98 -18.55 -10.70
N ALA D 220 -18.05 -18.94 -10.00
CA ALA D 220 -19.39 -18.81 -10.56
C ALA D 220 -19.78 -17.36 -10.74
N LYS D 221 -19.45 -16.52 -9.76
CA LYS D 221 -19.77 -15.09 -9.88
C LYS D 221 -19.03 -14.46 -11.06
N ILE D 222 -17.74 -14.79 -11.21
CA ILE D 222 -16.96 -14.29 -12.34
C ILE D 222 -17.55 -14.78 -13.65
N LYS D 223 -17.96 -16.05 -13.68
CA LYS D 223 -18.54 -16.62 -14.89
C LYS D 223 -19.80 -15.88 -15.30
N ARG D 224 -20.67 -15.59 -14.33
CA ARG D 224 -21.90 -14.87 -14.66
C ARG D 224 -21.61 -13.46 -15.15
N LEU D 225 -20.67 -12.77 -14.51
CA LEU D 225 -20.32 -11.42 -14.97
C LEU D 225 -19.80 -11.43 -16.40
N ALA D 226 -18.88 -12.35 -16.70
CA ALA D 226 -18.31 -12.42 -18.04
C ALA D 226 -19.38 -12.78 -19.07
N LEU D 227 -20.28 -13.70 -18.71
CA LEU D 227 -21.36 -14.07 -19.61
C LEU D 227 -22.24 -12.87 -19.93
N SER D 228 -22.58 -12.07 -18.91
CA SER D 228 -23.37 -10.89 -19.17
C SER D 228 -22.66 -9.94 -20.12
N LEU D 229 -21.36 -9.68 -19.86
CA LEU D 229 -20.62 -8.72 -20.66
C LEU D 229 -20.57 -9.16 -22.13
N ILE D 230 -20.25 -10.42 -22.38
CA ILE D 230 -20.15 -10.88 -23.76
C ILE D 230 -21.53 -10.94 -24.41
N ALA D 231 -22.55 -11.40 -23.68
CA ALA D 231 -23.82 -11.72 -24.30
C ALA D 231 -24.67 -10.49 -24.61
N ILE D 232 -24.59 -9.43 -23.82
CA ILE D 232 -25.49 -8.30 -24.03
C ILE D 232 -25.27 -7.67 -25.39
N VAL D 233 -24.00 -7.51 -25.79
CA VAL D 233 -23.66 -6.76 -27.00
C VAL D 233 -24.21 -7.45 -28.24
N LEU D 234 -24.12 -8.78 -28.28
CA LEU D 234 -24.55 -9.51 -29.47
C LEU D 234 -26.03 -9.29 -29.74
N VAL D 235 -26.85 -9.43 -28.70
CA VAL D 235 -28.29 -9.22 -28.87
C VAL D 235 -28.58 -7.76 -29.18
N CYS D 236 -27.81 -6.83 -28.59
CA CYS D 236 -28.07 -5.41 -28.86
C CYS D 236 -27.67 -5.00 -30.27
N PHE D 237 -26.75 -5.70 -30.91
CA PHE D 237 -26.18 -5.24 -32.17
C PHE D 237 -26.52 -6.06 -33.40
N ALA D 238 -26.72 -7.38 -33.26
CA ALA D 238 -26.73 -8.26 -34.43
C ALA D 238 -27.84 -7.96 -35.44
N PRO D 239 -29.11 -7.80 -35.07
CA PRO D 239 -30.15 -7.67 -36.10
C PRO D 239 -29.96 -6.49 -37.04
N TYR D 240 -29.53 -5.34 -36.52
CA TYR D 240 -29.34 -4.17 -37.37
C TYR D 240 -28.29 -4.43 -38.43
N HIS D 241 -27.17 -5.04 -38.03
CA HIS D 241 -26.11 -5.29 -39.00
C HIS D 241 -26.50 -6.41 -39.96
N VAL D 242 -27.33 -7.35 -39.50
CA VAL D 242 -27.85 -8.38 -40.41
C VAL D 242 -28.69 -7.73 -41.51
N LEU D 243 -29.60 -6.83 -41.12
CA LEU D 243 -30.42 -6.14 -42.12
C LEU D 243 -29.58 -5.23 -43.01
N LEU D 244 -28.55 -4.59 -42.43
CA LEU D 244 -27.64 -3.76 -43.20
C LEU D 244 -26.95 -4.57 -44.28
N LEU D 245 -26.37 -5.72 -43.90
CA LEU D 245 -25.73 -6.60 -44.86
C LEU D 245 -26.70 -7.09 -45.90
N SER D 246 -27.92 -7.46 -45.47
CA SER D 246 -28.91 -7.96 -46.42
C SER D 246 -29.24 -6.92 -47.48
N ARG D 247 -29.55 -5.69 -47.06
CA ARG D 247 -29.89 -4.67 -48.04
C ARG D 247 -28.72 -4.34 -48.93
N SER D 248 -27.52 -4.23 -48.36
CA SER D 248 -26.37 -3.89 -49.19
C SER D 248 -26.15 -4.96 -50.26
N ALA D 249 -26.26 -6.23 -49.88
CA ALA D 249 -26.09 -7.30 -50.86
C ALA D 249 -27.19 -7.29 -51.91
N ILE D 250 -28.44 -7.04 -51.48
CA ILE D 250 -29.54 -7.03 -52.43
C ILE D 250 -29.40 -5.88 -53.42
N TYR D 251 -29.06 -4.68 -52.93
CA TYR D 251 -28.88 -3.55 -53.83
C TYR D 251 -27.71 -3.76 -54.77
N LEU D 252 -26.61 -4.32 -54.26
CA LEU D 252 -25.48 -4.59 -55.13
C LEU D 252 -25.85 -5.60 -56.21
N GLY D 253 -26.61 -6.63 -55.85
CA GLY D 253 -27.09 -7.56 -56.85
C GLY D 253 -28.07 -6.92 -57.82
N ARG D 254 -29.08 -6.23 -57.29
CA ARG D 254 -30.13 -5.61 -58.11
C ARG D 254 -30.62 -4.36 -57.39
N PRO D 255 -30.20 -3.17 -57.84
CA PRO D 255 -30.67 -1.94 -57.19
C PRO D 255 -32.08 -1.52 -57.58
N TRP D 256 -32.58 -1.94 -58.74
CA TRP D 256 -33.88 -1.49 -59.21
C TRP D 256 -35.03 -2.18 -58.49
N ASP D 257 -34.80 -3.28 -57.79
CA ASP D 257 -35.85 -3.99 -57.06
C ASP D 257 -36.16 -3.22 -55.79
N CYS D 258 -37.00 -2.20 -55.93
CA CYS D 258 -37.38 -1.35 -54.80
C CYS D 258 -38.24 -2.08 -53.78
N GLY D 259 -38.89 -3.18 -54.18
CA GLY D 259 -39.77 -3.88 -53.27
C GLY D 259 -39.05 -4.42 -52.04
N PHE D 260 -37.81 -4.84 -52.20
CA PHE D 260 -37.04 -5.36 -51.07
C PHE D 260 -36.89 -4.27 -50.00
N GLU D 261 -36.47 -3.07 -50.40
CA GLU D 261 -36.44 -1.94 -49.48
C GLU D 261 -37.83 -1.65 -48.93
N GLU D 262 -38.84 -1.71 -49.80
CA GLU D 262 -40.21 -1.43 -49.40
C GLU D 262 -40.65 -2.34 -48.27
N ARG D 263 -40.13 -3.56 -48.21
CA ARG D 263 -40.49 -4.48 -47.14
C ARG D 263 -39.55 -4.40 -45.94
N VAL D 264 -38.26 -4.14 -46.15
CA VAL D 264 -37.29 -4.20 -45.06
C VAL D 264 -37.10 -2.84 -44.40
N PHE D 265 -37.90 -1.85 -44.82
CA PHE D 265 -37.88 -0.55 -44.14
C PHE D 265 -38.13 -0.70 -42.63
N SER D 266 -39.19 -1.43 -42.27
CA SER D 266 -39.52 -1.60 -40.86
C SER D 266 -38.41 -2.32 -40.11
N ALA D 267 -37.81 -3.34 -40.74
CA ALA D 267 -36.73 -4.09 -40.09
C ALA D 267 -35.52 -3.19 -39.84
N TYR D 268 -35.14 -2.45 -40.88
CA TYR D 268 -33.97 -1.53 -40.82
C TYR D 268 -34.08 -0.58 -39.64
N HIS D 269 -35.11 0.27 -39.51
CA HIS D 269 -35.12 1.19 -38.35
C HIS D 269 -35.68 0.56 -37.07
N SER D 270 -36.50 -0.51 -37.12
CA SER D 270 -36.90 -1.14 -35.84
C SER D 270 -35.67 -1.81 -35.20
N SER D 271 -34.60 -2.09 -35.97
CA SER D 271 -33.33 -2.62 -35.51
C SER D 271 -32.33 -1.52 -35.18
N LEU D 272 -32.39 -0.42 -35.92
CA LEU D 272 -31.56 0.74 -35.64
C LEU D 272 -31.97 1.30 -34.29
N ALA D 273 -33.22 1.07 -33.91
CA ALA D 273 -33.63 1.33 -32.53
C ALA D 273 -32.82 0.51 -31.53
N PHE D 274 -32.75 -0.80 -31.77
CA PHE D 274 -32.09 -1.70 -30.83
C PHE D 274 -30.59 -1.46 -30.74
N THR D 275 -29.98 -0.93 -31.79
CA THR D 275 -28.53 -0.78 -31.78
C THR D 275 -28.02 0.21 -30.73
N SER D 276 -28.88 1.02 -30.14
CA SER D 276 -28.43 2.03 -29.18
C SER D 276 -28.41 1.54 -27.74
N LEU D 277 -28.72 0.27 -27.51
CA LEU D 277 -28.78 -0.25 -26.14
C LEU D 277 -27.41 -0.55 -25.55
N ASN D 278 -26.37 -0.62 -26.38
CA ASN D 278 -25.02 -0.83 -25.85
C ASN D 278 -24.55 0.36 -25.03
N CYS D 279 -25.00 1.57 -25.39
CA CYS D 279 -24.68 2.74 -24.60
C CYS D 279 -25.27 2.65 -23.20
N VAL D 280 -26.32 1.85 -23.02
CA VAL D 280 -26.83 1.57 -21.68
C VAL D 280 -26.08 0.41 -21.06
N ALA D 281 -25.78 -0.62 -21.84
CA ALA D 281 -25.16 -1.83 -21.31
C ALA D 281 -23.79 -1.54 -20.73
N ASP D 282 -22.92 -0.87 -21.49
CA ASP D 282 -21.52 -0.75 -21.10
C ASP D 282 -21.30 -0.09 -19.75
N PRO D 283 -21.88 1.08 -19.44
CA PRO D 283 -21.51 1.76 -18.19
C PRO D 283 -21.87 0.98 -16.93
N ILE D 284 -23.13 0.55 -16.79
CA ILE D 284 -23.53 -0.17 -15.59
C ILE D 284 -22.79 -1.49 -15.50
N LEU D 285 -22.76 -2.24 -16.60
CA LEU D 285 -22.14 -3.56 -16.60
C LEU D 285 -20.63 -3.51 -16.46
N TYR D 286 -20.02 -2.33 -16.59
CA TYR D 286 -18.58 -2.19 -16.38
C TYR D 286 -18.22 -1.51 -15.06
N CYS D 287 -19.12 -0.73 -14.48
CA CYS D 287 -18.81 -0.04 -13.23
C CYS D 287 -19.72 -0.43 -12.08
N LEU D 288 -21.04 -0.35 -12.26
CA LEU D 288 -21.95 -0.44 -11.11
C LEU D 288 -21.93 -1.82 -10.47
N VAL D 289 -21.85 -2.88 -11.27
CA VAL D 289 -22.06 -4.23 -10.74
C VAL D 289 -20.89 -4.66 -9.85
N ASN D 290 -19.66 -4.32 -10.25
CA ASN D 290 -18.49 -4.84 -9.54
C ASN D 290 -18.44 -4.33 -8.11
N GLU D 291 -18.11 -5.22 -7.17
CA GLU D 291 -18.12 -4.86 -5.76
C GLU D 291 -17.06 -3.81 -5.43
N GLY D 292 -15.85 -3.97 -5.95
CA GLY D 292 -14.84 -2.94 -5.76
C GLY D 292 -15.22 -1.64 -6.44
N ALA D 293 -15.72 -1.72 -7.66
CA ALA D 293 -16.25 -0.54 -8.31
C ALA D 293 -17.53 -0.03 -7.64
N ARG D 294 -18.26 -0.90 -6.94
CA ARG D 294 -19.38 -0.42 -6.12
C ARG D 294 -18.87 0.41 -4.95
N SER D 295 -17.75 -0.01 -4.34
CA SER D 295 -17.12 0.82 -3.33
C SER D 295 -16.63 2.14 -3.93
N ASP D 296 -16.14 2.09 -5.17
CA ASP D 296 -15.77 3.31 -5.88
C ASP D 296 -16.99 4.22 -6.07
N VAL D 297 -18.14 3.64 -6.39
CA VAL D 297 -19.37 4.42 -6.54
C VAL D 297 -19.80 5.01 -5.20
N ALA D 298 -19.61 4.25 -4.12
CA ALA D 298 -19.89 4.79 -2.79
C ALA D 298 -18.98 5.97 -2.48
N LYS D 299 -17.70 5.86 -2.86
CA LYS D 299 -16.79 7.00 -2.71
C LYS D 299 -17.22 8.17 -3.60
N ALA D 300 -17.82 7.88 -4.75
CA ALA D 300 -18.34 8.94 -5.61
C ALA D 300 -19.51 9.66 -4.92
#